data_2W2K
#
_entry.id   2W2K
#
_cell.length_a   50.030
_cell.length_b   81.071
_cell.length_c   93.955
_cell.angle_alpha   90.00
_cell.angle_beta   96.27
_cell.angle_gamma   90.00
#
_symmetry.space_group_name_H-M   'P 1 21 1'
#
loop_
_entity.id
_entity.type
_entity.pdbx_description
1 polymer 'D-MANDELATE DEHYDROGENASE'
2 polymer 'D-MANDELATE DEHYDROGENASE'
3 water water
#
loop_
_entity_poly.entity_id
_entity_poly.type
_entity_poly.pdbx_seq_one_letter_code
_entity_poly.pdbx_strand_id
1 'polypeptide(L)'
;MPRPRVLLLGDPARHLDDLWSDFQQKFEVIPANLTTHDGFKQALREKRYGDFEAIIKLAVENGTESYPWNADLISHLPSS
LKVFAAAGAGFDWLDLDALNERGVAFANSRGAGDTATSDLALYLILSVFRLASYSERAARTGDPETFNRVHLEIGKSAHN
PRGHVLGAVGLGAIQKEIARKAVHGLGMKLVYYDVAPADAETEKALGAERVDSLEELARRSDCVSVSVPYMKLTHHLIDE
AFFAAMKPGSRIVNTARGPVISQDALIAALKSGKLLSAGLDVHEFEPQVSKELIEMKHVTLTTHIGGVAIETFHEFERLT
MTNIDRFLLQGKPLLTPAGKVFAPSSAA
;
A
2 'polypeptide(L)'
;MPRPRVLLLGDPARHLDDLWSDFQQKFEVIPANLTTHDGFKQALREKRYGDFEAIIKLAVENGTESYPWNADLISHLPSS
LKVFAAAGAGFDWLDLDALNERGVAFANSRGAGDTATSDLALYLILSVFRLASYSERAARTGDPETFNRVHLEIGKSAHN
PRGHVLGAVGLGAIQKEIARKAVHGLGMKLVYYDVAPADAETEKALGAERVDSLEELARRSDCVSVSVPYMKLTHHLIDE
AFFAAMKPGSRIVNTARGPVISQDALIAALKSGKLLSAGLDVHEFEPNVSKELIEMKHVTLTTHIGGVAIETFHEFERLT
MTNIDRFLLQGKPLLTPAGKVFAPSSAA
;
B
#
# COMPACT_ATOMS: atom_id res chain seq x y z
N PRO A 2 43.62 -17.24 -22.77
CA PRO A 2 43.45 -17.85 -21.43
C PRO A 2 42.17 -17.40 -20.75
N ARG A 3 41.52 -16.36 -21.30
CA ARG A 3 40.18 -15.89 -20.87
C ARG A 3 39.21 -17.09 -20.83
N PRO A 4 38.56 -17.34 -19.68
CA PRO A 4 37.50 -18.37 -19.72
C PRO A 4 36.36 -18.01 -20.70
N ARG A 5 35.68 -19.04 -21.21
CA ARG A 5 34.65 -18.94 -22.26
C ARG A 5 33.23 -19.12 -21.68
N VAL A 6 32.31 -18.21 -22.02
CA VAL A 6 30.95 -18.16 -21.44
C VAL A 6 29.85 -18.16 -22.52
N LEU A 7 28.95 -19.16 -22.51
CA LEU A 7 27.82 -19.21 -23.44
C LEU A 7 26.69 -18.27 -22.98
N LEU A 8 26.28 -17.34 -23.85
CA LEU A 8 25.18 -16.40 -23.56
C LEU A 8 23.83 -16.97 -24.08
N LEU A 9 22.90 -17.25 -23.18
CA LEU A 9 21.59 -17.76 -23.57
C LEU A 9 20.62 -16.60 -23.77
N GLY A 10 20.34 -16.27 -25.02
CA GLY A 10 19.41 -15.15 -25.31
C GLY A 10 20.08 -13.80 -25.35
N ASP A 11 19.30 -12.73 -25.14
CA ASP A 11 19.78 -11.35 -25.31
C ASP A 11 20.92 -10.93 -24.38
N PRO A 12 21.78 -9.96 -24.81
CA PRO A 12 22.78 -9.33 -23.95
C PRO A 12 22.13 -8.41 -22.89
N ALA A 13 22.96 -7.83 -22.02
CA ALA A 13 22.50 -7.00 -20.91
C ALA A 13 21.79 -5.74 -21.40
N ARG A 14 20.80 -5.29 -20.64
CA ARG A 14 20.00 -4.09 -20.98
C ARG A 14 20.10 -2.97 -19.95
N HIS A 15 20.55 -3.29 -18.75
CA HIS A 15 20.52 -2.30 -17.65
C HIS A 15 21.89 -1.80 -17.22
N LEU A 16 22.86 -2.71 -17.07
CA LEU A 16 24.18 -2.37 -16.52
C LEU A 16 25.27 -2.34 -17.61
N ASP A 17 25.45 -1.19 -18.25
CA ASP A 17 26.30 -1.12 -19.45
C ASP A 17 27.79 -1.21 -19.14
N ASP A 18 28.24 -0.46 -18.12
CA ASP A 18 29.64 -0.52 -17.67
C ASP A 18 30.06 -1.92 -17.18
N LEU A 19 29.20 -2.55 -16.37
CA LEU A 19 29.52 -3.89 -15.84
C LEU A 19 29.58 -4.94 -16.96
N TRP A 20 28.68 -4.84 -17.93
CA TRP A 20 28.65 -5.77 -19.06
C TRP A 20 29.88 -5.58 -20.01
N SER A 21 30.32 -4.33 -20.21
CA SER A 21 31.58 -4.06 -20.94
C SER A 21 32.82 -4.69 -20.27
N ASP A 22 32.92 -4.53 -18.96
CA ASP A 22 33.94 -5.16 -18.11
C ASP A 22 33.90 -6.70 -18.20
N PHE A 23 32.69 -7.26 -18.19
CA PHE A 23 32.48 -8.73 -18.26
C PHE A 23 33.05 -9.29 -19.58
N GLN A 24 32.80 -8.57 -20.67
CA GLN A 24 33.23 -8.98 -22.03
C GLN A 24 34.75 -8.85 -22.31
N GLN A 25 35.46 -8.10 -21.48
CA GLN A 25 36.92 -8.04 -21.47
C GLN A 25 37.53 -9.21 -20.67
N LYS A 26 36.95 -9.50 -19.50
CA LYS A 26 37.44 -10.59 -18.64
C LYS A 26 37.21 -11.97 -19.27
N PHE A 27 36.09 -12.10 -20.01
CA PHE A 27 35.60 -13.39 -20.51
C PHE A 27 35.35 -13.33 -22.01
N GLU A 28 35.57 -14.44 -22.70
CA GLU A 28 35.10 -14.60 -24.10
C GLU A 28 33.62 -15.03 -24.12
N VAL A 29 32.72 -14.11 -24.50
CA VAL A 29 31.27 -14.38 -24.49
C VAL A 29 30.83 -14.82 -25.89
N ILE A 30 30.18 -16.00 -25.94
CA ILE A 30 29.72 -16.68 -27.17
C ILE A 30 28.16 -16.67 -27.28
N PRO A 31 27.57 -15.95 -28.26
CA PRO A 31 26.10 -16.03 -28.39
C PRO A 31 25.58 -17.42 -28.83
N ALA A 32 24.56 -17.93 -28.15
CA ALA A 32 23.98 -19.24 -28.48
C ALA A 32 23.24 -19.26 -29.84
N ASN A 33 22.72 -18.10 -30.27
CA ASN A 33 21.94 -18.00 -31.54
C ASN A 33 20.84 -19.06 -31.62
N LEU A 34 20.02 -19.15 -30.58
CA LEU A 34 19.03 -20.24 -30.44
C LEU A 34 17.95 -20.20 -31.53
N THR A 35 17.55 -21.38 -31.98
CA THR A 35 16.40 -21.51 -32.86
C THR A 35 15.34 -22.34 -32.13
N THR A 36 15.60 -23.63 -31.95
CA THR A 36 14.69 -24.57 -31.28
C THR A 36 15.43 -25.45 -30.27
N HIS A 37 14.67 -26.16 -29.43
CA HIS A 37 15.25 -27.07 -28.43
C HIS A 37 16.06 -28.19 -29.09
N ASP A 38 15.49 -28.80 -30.13
CA ASP A 38 16.15 -29.86 -30.87
C ASP A 38 17.40 -29.37 -31.64
N GLY A 39 17.31 -28.16 -32.18
CA GLY A 39 18.46 -27.53 -32.84
C GLY A 39 19.62 -27.27 -31.88
N PHE A 40 19.31 -26.86 -30.64
CA PHE A 40 20.34 -26.61 -29.60
C PHE A 40 21.03 -27.90 -29.15
N LYS A 41 20.26 -28.97 -28.94
CA LYS A 41 20.83 -30.30 -28.65
C LYS A 41 21.81 -30.74 -29.76
N GLN A 42 21.44 -30.52 -31.02
CA GLN A 42 22.32 -30.95 -32.13
C GLN A 42 23.61 -30.10 -32.20
N ALA A 43 23.49 -28.81 -31.92
CA ALA A 43 24.66 -27.92 -31.86
C ALA A 43 25.66 -28.36 -30.77
N LEU A 44 25.16 -28.74 -29.59
CA LEU A 44 25.99 -29.33 -28.53
C LEU A 44 26.71 -30.64 -28.95
N ARG A 45 25.96 -31.57 -29.54
CA ARG A 45 26.53 -32.84 -30.01
C ARG A 45 27.65 -32.62 -31.03
N GLU A 46 27.49 -31.61 -31.89
CA GLU A 46 28.47 -31.32 -32.93
C GLU A 46 29.62 -30.42 -32.47
N LYS A 47 29.64 -30.09 -31.17
CA LYS A 47 30.66 -29.18 -30.59
C LYS A 47 30.72 -27.82 -31.28
N ARG A 48 29.55 -27.29 -31.67
CA ARG A 48 29.50 -26.04 -32.46
C ARG A 48 30.15 -24.86 -31.73
N TYR A 49 29.97 -24.78 -30.41
CA TYR A 49 30.46 -23.65 -29.59
C TYR A 49 31.87 -23.86 -28.99
N GLY A 50 32.46 -25.04 -29.19
CA GLY A 50 33.76 -25.37 -28.55
C GLY A 50 33.57 -25.67 -27.06
N ASP A 51 34.67 -25.87 -26.33
CA ASP A 51 34.61 -26.05 -24.86
C ASP A 51 34.33 -24.70 -24.21
N PHE A 52 33.29 -24.64 -23.35
CA PHE A 52 33.04 -23.46 -22.50
C PHE A 52 32.95 -23.84 -21.01
N GLU A 53 33.23 -22.87 -20.13
CA GLU A 53 33.32 -23.08 -18.67
C GLU A 53 32.12 -22.53 -17.88
N ALA A 54 31.30 -21.69 -18.52
CA ALA A 54 30.12 -21.13 -17.85
C ALA A 54 28.99 -20.87 -18.82
N ILE A 55 27.76 -20.78 -18.28
CA ILE A 55 26.58 -20.32 -19.03
C ILE A 55 25.98 -19.15 -18.24
N ILE A 56 25.58 -18.08 -18.94
CA ILE A 56 24.85 -16.94 -18.31
C ILE A 56 23.48 -16.69 -18.96
N LYS A 57 22.50 -16.31 -18.14
CA LYS A 57 21.09 -16.12 -18.60
C LYS A 57 20.58 -14.86 -17.90
N LEU A 58 20.48 -13.75 -18.65
CA LEU A 58 20.39 -12.40 -18.04
C LEU A 58 18.96 -11.91 -17.67
N ALA A 59 17.95 -12.63 -18.13
CA ALA A 59 16.54 -12.31 -17.75
C ALA A 59 15.70 -13.57 -17.76
N VAL A 60 14.59 -13.55 -17.02
CA VAL A 60 13.64 -14.66 -16.96
C VAL A 60 13.09 -15.10 -18.31
N GLU A 61 12.75 -14.13 -19.16
CA GLU A 61 12.15 -14.37 -20.48
C GLU A 61 13.17 -14.64 -21.60
N ASN A 62 14.47 -14.62 -21.26
CA ASN A 62 15.55 -14.84 -22.23
C ASN A 62 15.87 -16.35 -22.37
N GLY A 63 16.09 -16.80 -23.62
CA GLY A 63 16.57 -18.17 -23.89
C GLY A 63 15.55 -19.28 -23.73
N THR A 64 14.27 -18.93 -23.82
CA THR A 64 13.20 -19.91 -23.63
C THR A 64 13.15 -20.94 -24.76
N GLU A 65 13.74 -20.61 -25.92
CA GLU A 65 13.83 -21.55 -27.05
C GLU A 65 14.59 -22.85 -26.72
N SER A 66 15.42 -22.79 -25.69
CA SER A 66 16.21 -23.95 -25.28
C SER A 66 15.45 -24.91 -24.38
N TYR A 67 14.28 -24.49 -23.88
CA TYR A 67 13.57 -25.28 -22.86
C TYR A 67 13.00 -26.57 -23.45
N PRO A 68 12.95 -27.67 -22.66
CA PRO A 68 13.41 -27.79 -21.27
C PRO A 68 14.89 -28.16 -21.13
N TRP A 69 15.49 -27.76 -20.00
CA TRP A 69 16.80 -28.26 -19.59
C TRP A 69 16.63 -29.61 -18.88
N ASN A 70 16.31 -30.64 -19.67
CA ASN A 70 16.11 -32.00 -19.16
C ASN A 70 17.43 -32.81 -19.12
N ALA A 71 17.38 -34.02 -18.58
CA ALA A 71 18.59 -34.84 -18.45
C ALA A 71 19.16 -35.14 -19.84
N ASP A 72 18.26 -35.26 -20.83
CA ASP A 72 18.68 -35.55 -22.20
C ASP A 72 19.59 -34.46 -22.80
N LEU A 73 19.13 -33.22 -22.71
CA LEU A 73 19.93 -32.08 -23.17
C LEU A 73 21.24 -31.93 -22.37
N ILE A 74 21.13 -32.07 -21.06
CA ILE A 74 22.28 -31.88 -20.15
C ILE A 74 23.44 -32.88 -20.44
N SER A 75 23.08 -34.06 -20.95
CA SER A 75 24.06 -35.12 -21.27
C SER A 75 25.01 -34.75 -22.43
N HIS A 76 24.63 -33.75 -23.21
CA HIS A 76 25.47 -33.25 -24.32
C HIS A 76 26.36 -32.03 -24.02
N LEU A 77 26.33 -31.52 -22.78
CA LEU A 77 27.16 -30.35 -22.43
C LEU A 77 28.66 -30.71 -22.38
N PRO A 78 29.55 -29.78 -22.76
CA PRO A 78 30.99 -30.11 -22.76
C PRO A 78 31.55 -30.41 -21.35
N SER A 79 32.53 -31.31 -21.28
CA SER A 79 33.18 -31.71 -20.02
C SER A 79 33.91 -30.59 -19.27
N SER A 80 34.13 -29.48 -19.95
CA SER A 80 34.80 -28.27 -19.39
C SER A 80 33.88 -27.43 -18.50
N LEU A 81 32.57 -27.68 -18.55
CA LEU A 81 31.59 -26.79 -17.90
C LEU A 81 31.63 -26.86 -16.34
N LYS A 82 31.75 -25.69 -15.70
CA LYS A 82 31.82 -25.61 -14.25
C LYS A 82 30.62 -24.93 -13.55
N VAL A 83 30.01 -23.92 -14.19
CA VAL A 83 28.97 -23.08 -13.51
C VAL A 83 27.90 -22.50 -14.48
N PHE A 84 26.64 -22.38 -14.01
CA PHE A 84 25.50 -21.82 -14.77
C PHE A 84 24.84 -20.82 -13.80
N ALA A 85 24.82 -19.53 -14.17
CA ALA A 85 24.15 -18.49 -13.36
C ALA A 85 22.96 -17.88 -14.11
N ALA A 86 21.82 -17.74 -13.42
CA ALA A 86 20.56 -17.31 -14.05
C ALA A 86 19.78 -16.25 -13.27
N ALA A 87 19.15 -15.34 -14.00
CA ALA A 87 18.17 -14.37 -13.47
C ALA A 87 16.97 -15.10 -12.86
N GLY A 88 16.28 -14.46 -11.91
CA GLY A 88 15.05 -15.03 -11.33
C GLY A 88 15.28 -15.83 -10.05
N ALA A 89 14.20 -16.12 -9.33
CA ALA A 89 14.27 -16.98 -8.15
C ALA A 89 13.91 -18.43 -8.52
N GLY A 90 12.88 -18.60 -9.34
CA GLY A 90 12.43 -19.94 -9.76
C GLY A 90 13.24 -20.52 -10.92
N PHE A 91 13.21 -21.85 -11.03
CA PHE A 91 13.87 -22.57 -12.14
C PHE A 91 13.13 -23.87 -12.52
N ASP A 92 11.82 -23.76 -12.77
CA ASP A 92 10.95 -24.90 -13.17
C ASP A 92 11.36 -25.60 -14.46
N TRP A 93 12.00 -24.85 -15.35
CA TRP A 93 12.49 -25.33 -16.63
C TRP A 93 13.76 -26.20 -16.54
N LEU A 94 14.31 -26.36 -15.32
CA LEU A 94 15.62 -27.00 -15.08
C LEU A 94 15.60 -28.24 -14.20
N ASP A 95 16.20 -29.33 -14.67
CA ASP A 95 16.43 -30.52 -13.83
C ASP A 95 17.76 -30.33 -13.08
N LEU A 96 17.68 -29.71 -11.88
CA LEU A 96 18.86 -29.33 -11.09
C LEU A 96 19.66 -30.54 -10.60
N ASP A 97 18.97 -31.59 -10.14
CA ASP A 97 19.66 -32.85 -9.78
C ASP A 97 20.50 -33.43 -10.95
N ALA A 98 19.96 -33.42 -12.17
CA ALA A 98 20.71 -33.92 -13.34
C ALA A 98 21.94 -33.03 -13.66
N LEU A 99 21.77 -31.71 -13.54
CA LEU A 99 22.89 -30.75 -13.73
C LEU A 99 24.02 -30.99 -12.69
N ASN A 100 23.64 -31.15 -11.42
CA ASN A 100 24.59 -31.40 -10.32
C ASN A 100 25.30 -32.78 -10.45
N GLU A 101 24.57 -33.78 -10.94
CA GLU A 101 25.16 -35.12 -11.18
C GLU A 101 26.28 -35.08 -12.25
N ARG A 102 26.19 -34.13 -13.18
CA ARG A 102 27.26 -33.90 -14.17
C ARG A 102 28.38 -32.97 -13.66
N GLY A 103 28.33 -32.64 -12.37
CA GLY A 103 29.39 -31.85 -11.71
C GLY A 103 29.34 -30.34 -11.93
N VAL A 104 28.20 -29.85 -12.41
CA VAL A 104 28.00 -28.39 -12.69
C VAL A 104 27.28 -27.64 -11.55
N ALA A 105 27.89 -26.54 -11.07
CA ALA A 105 27.32 -25.66 -10.02
C ALA A 105 26.28 -24.74 -10.60
N PHE A 106 25.18 -24.54 -9.86
CA PHE A 106 24.13 -23.58 -10.27
C PHE A 106 23.99 -22.39 -9.27
N ALA A 107 23.72 -21.19 -9.81
CA ALA A 107 23.31 -20.05 -8.99
C ALA A 107 22.01 -19.47 -9.58
N ASN A 108 20.99 -19.27 -8.75
CA ASN A 108 19.88 -18.38 -9.16
C ASN A 108 20.20 -16.92 -8.77
N SER A 109 19.19 -16.03 -8.80
CA SER A 109 19.39 -14.65 -8.33
C SER A 109 18.57 -14.33 -7.08
N ARG A 110 18.61 -15.25 -6.09
CA ARG A 110 17.95 -15.07 -4.78
C ARG A 110 18.33 -13.73 -4.10
N GLY A 111 17.32 -13.04 -3.59
CA GLY A 111 17.52 -11.75 -2.91
C GLY A 111 17.33 -10.48 -3.76
N ALA A 112 17.45 -10.62 -5.09
CA ALA A 112 17.32 -9.49 -6.04
C ALA A 112 16.01 -8.67 -5.91
N GLY A 113 14.89 -9.33 -5.65
CA GLY A 113 13.60 -8.62 -5.52
C GLY A 113 13.05 -8.55 -4.09
N ASP A 114 13.92 -8.62 -3.07
CA ASP A 114 13.46 -8.51 -1.65
C ASP A 114 12.66 -7.21 -1.38
N THR A 115 13.17 -6.07 -1.84
CA THR A 115 12.47 -4.77 -1.63
C THR A 115 11.13 -4.74 -2.38
N ALA A 116 11.15 -5.06 -3.68
CA ALA A 116 9.90 -5.05 -4.48
C ALA A 116 8.82 -5.99 -3.93
N THR A 117 9.18 -7.25 -3.66
CA THR A 117 8.14 -8.21 -3.26
C THR A 117 7.57 -7.85 -1.87
N SER A 118 8.43 -7.40 -0.94
CA SER A 118 7.93 -7.00 0.38
C SER A 118 7.00 -5.75 0.34
N ASP A 119 7.35 -4.78 -0.53
CA ASP A 119 6.52 -3.59 -0.72
C ASP A 119 5.16 -3.95 -1.28
N LEU A 120 5.14 -4.88 -2.25
CA LEU A 120 3.88 -5.32 -2.84
C LEU A 120 3.00 -6.06 -1.82
N ALA A 121 3.62 -6.92 -1.00
CA ALA A 121 2.87 -7.55 0.11
C ALA A 121 2.27 -6.51 1.07
N LEU A 122 3.03 -5.45 1.37
CA LEU A 122 2.52 -4.37 2.25
C LEU A 122 1.32 -3.64 1.63
N TYR A 123 1.39 -3.36 0.32
CA TYR A 123 0.21 -2.84 -0.45
C TYR A 123 -1.05 -3.74 -0.27
N LEU A 124 -0.87 -5.05 -0.45
CA LEU A 124 -1.97 -6.02 -0.25
C LEU A 124 -2.56 -6.03 1.16
N ILE A 125 -1.68 -5.94 2.17
CA ILE A 125 -2.08 -5.86 3.59
C ILE A 125 -2.92 -4.60 3.84
N LEU A 126 -2.42 -3.44 3.40
CA LEU A 126 -3.22 -2.20 3.43
C LEU A 126 -4.59 -2.36 2.75
N SER A 127 -4.61 -2.92 1.53
CA SER A 127 -5.85 -3.14 0.73
C SER A 127 -6.91 -3.98 1.47
N VAL A 128 -6.49 -5.09 2.09
CA VAL A 128 -7.46 -6.00 2.75
C VAL A 128 -8.00 -5.47 4.12
N PHE A 129 -7.21 -4.64 4.81
CA PHE A 129 -7.68 -3.99 6.05
C PHE A 129 -8.65 -2.82 5.73
N ARG A 130 -8.35 -2.08 4.66
CA ARG A 130 -9.10 -0.82 4.34
C ARG A 130 -10.21 -0.96 3.28
N LEU A 131 -10.29 -2.14 2.66
CA LEU A 131 -11.24 -2.41 1.54
C LEU A 131 -11.06 -1.44 0.36
N ALA A 132 -9.80 -1.19 0.00
CA ALA A 132 -9.49 -0.16 -1.00
C ALA A 132 -9.80 -0.58 -2.44
N SER A 133 -9.72 -1.87 -2.73
CA SER A 133 -10.04 -2.43 -4.05
C SER A 133 -11.50 -2.15 -4.43
N TYR A 134 -12.43 -2.40 -3.50
CA TYR A 134 -13.86 -2.11 -3.68
C TYR A 134 -14.13 -0.60 -3.86
N SER A 135 -13.46 0.22 -3.05
CA SER A 135 -13.52 1.69 -3.16
C SER A 135 -13.09 2.16 -4.57
N GLU A 136 -12.00 1.61 -5.10
CA GLU A 136 -11.53 2.03 -6.45
C GLU A 136 -12.60 1.74 -7.54
N ARG A 137 -13.19 0.55 -7.49
CA ARG A 137 -14.24 0.23 -8.47
C ARG A 137 -15.47 1.14 -8.40
N ALA A 138 -15.84 1.55 -7.19
CA ALA A 138 -16.91 2.53 -6.97
C ALA A 138 -16.58 3.91 -7.52
N ALA A 139 -15.35 4.37 -7.24
CA ALA A 139 -14.93 5.67 -7.78
C ALA A 139 -14.99 5.69 -9.33
N ARG A 140 -14.60 4.58 -9.95
CA ARG A 140 -14.48 4.47 -11.41
C ARG A 140 -15.81 4.34 -12.17
N THR A 141 -16.92 4.21 -11.44
CA THR A 141 -18.26 4.38 -12.05
C THR A 141 -18.55 5.83 -12.48
N GLY A 142 -17.90 6.81 -11.87
CA GLY A 142 -18.25 8.22 -12.10
C GLY A 142 -19.70 8.61 -11.78
N ASP A 143 -20.35 7.80 -10.95
CA ASP A 143 -21.72 8.05 -10.45
C ASP A 143 -21.75 8.53 -8.99
N PRO A 144 -22.20 9.78 -8.76
CA PRO A 144 -22.18 10.44 -7.44
C PRO A 144 -22.84 9.65 -6.31
N GLU A 145 -24.00 9.05 -6.58
CA GLU A 145 -24.69 8.30 -5.52
C GLU A 145 -23.96 7.03 -5.14
N THR A 146 -23.34 6.36 -6.11
CA THR A 146 -22.48 5.18 -5.85
C THR A 146 -21.27 5.57 -4.97
N PHE A 147 -20.60 6.67 -5.30
CA PHE A 147 -19.53 7.24 -4.45
C PHE A 147 -19.94 7.34 -2.97
N ASN A 148 -21.06 8.01 -2.69
CA ASN A 148 -21.56 8.19 -1.32
C ASN A 148 -21.93 6.87 -0.62
N ARG A 149 -22.67 6.01 -1.33
CA ARG A 149 -23.12 4.70 -0.82
C ARG A 149 -21.94 3.81 -0.37
N VAL A 150 -20.95 3.69 -1.24
CA VAL A 150 -19.79 2.83 -0.94
C VAL A 150 -18.86 3.46 0.14
N HIS A 151 -18.69 4.80 0.12
CA HIS A 151 -17.98 5.53 1.23
C HIS A 151 -18.53 5.10 2.59
N LEU A 152 -19.87 5.08 2.69
CA LEU A 152 -20.55 4.66 3.93
C LEU A 152 -20.43 3.16 4.25
N GLU A 153 -20.63 2.32 3.24
CA GLU A 153 -20.55 0.87 3.40
C GLU A 153 -19.19 0.40 3.94
N ILE A 154 -18.12 0.96 3.40
CA ILE A 154 -16.76 0.62 3.83
C ILE A 154 -16.51 0.88 5.33
N GLY A 155 -17.08 1.95 5.88
CA GLY A 155 -16.95 2.29 7.32
C GLY A 155 -17.53 1.25 8.29
N LYS A 156 -18.45 0.42 7.80
CA LYS A 156 -18.97 -0.71 8.60
C LYS A 156 -17.98 -1.87 8.83
N SER A 157 -16.91 -1.96 8.02
CA SER A 157 -15.97 -3.12 8.03
C SER A 157 -14.44 -2.82 8.04
N ALA A 158 -14.05 -1.58 7.73
CA ALA A 158 -12.61 -1.19 7.66
C ALA A 158 -11.93 -1.00 9.05
N HIS A 159 -10.63 -1.36 9.14
CA HIS A 159 -9.84 -1.26 10.39
C HIS A 159 -8.38 -0.81 10.10
N ASN A 160 -7.73 -0.11 11.03
CA ASN A 160 -6.27 0.17 10.94
C ASN A 160 -5.50 -1.12 11.26
N PRO A 161 -4.42 -1.46 10.50
CA PRO A 161 -3.49 -2.52 10.91
C PRO A 161 -2.93 -2.37 12.34
N ARG A 162 -2.61 -1.14 12.76
CA ARG A 162 -2.02 -0.86 14.10
C ARG A 162 -2.66 -1.70 15.23
N GLY A 163 -1.84 -2.37 16.03
CA GLY A 163 -2.35 -3.17 17.15
C GLY A 163 -2.86 -4.59 16.84
N HIS A 164 -3.11 -4.87 15.57
CA HIS A 164 -3.55 -6.20 15.10
C HIS A 164 -2.36 -7.13 14.81
N VAL A 165 -2.63 -8.44 14.86
CA VAL A 165 -1.59 -9.49 14.76
C VAL A 165 -1.38 -9.93 13.29
N LEU A 166 -0.15 -9.80 12.80
CA LEU A 166 0.24 -10.39 11.50
C LEU A 166 0.79 -11.78 11.73
N GLY A 167 0.24 -12.78 11.02
CA GLY A 167 0.78 -14.15 11.11
C GLY A 167 1.64 -14.54 9.90
N ALA A 168 2.95 -14.66 10.13
CA ALA A 168 3.91 -14.97 9.06
C ALA A 168 4.03 -16.50 8.85
N VAL A 169 3.54 -17.00 7.71
CA VAL A 169 3.80 -18.39 7.25
C VAL A 169 5.09 -18.35 6.44
N GLY A 170 6.17 -18.83 7.05
CA GLY A 170 7.55 -18.61 6.57
C GLY A 170 8.17 -17.35 7.20
N LEU A 171 9.45 -17.40 7.59
CA LEU A 171 10.20 -16.17 7.97
C LEU A 171 11.59 -16.04 7.31
N GLY A 172 11.61 -16.21 5.99
CA GLY A 172 12.79 -15.98 5.14
C GLY A 172 13.03 -14.49 4.90
N ALA A 173 13.99 -14.17 4.02
CA ALA A 173 14.40 -12.76 3.81
C ALA A 173 13.27 -11.81 3.38
N ILE A 174 12.44 -12.26 2.43
CA ILE A 174 11.30 -11.42 1.98
C ILE A 174 10.34 -11.15 3.14
N GLN A 175 9.95 -12.21 3.85
CA GLN A 175 9.05 -12.04 5.01
C GLN A 175 9.66 -11.19 6.16
N LYS A 176 10.98 -11.26 6.35
CA LYS A 176 11.64 -10.39 7.34
C LYS A 176 11.50 -8.90 7.01
N GLU A 177 11.57 -8.55 5.73
CA GLU A 177 11.27 -7.17 5.29
C GLU A 177 9.78 -6.81 5.45
N ILE A 178 8.88 -7.72 5.07
CA ILE A 178 7.41 -7.48 5.27
C ILE A 178 7.11 -7.15 6.73
N ALA A 179 7.63 -7.99 7.63
CA ALA A 179 7.51 -7.80 9.08
C ALA A 179 8.11 -6.51 9.61
N ARG A 180 9.32 -6.15 9.19
CA ARG A 180 9.96 -4.89 9.62
C ARG A 180 9.05 -3.71 9.28
N LYS A 181 8.47 -3.73 8.08
CA LYS A 181 7.62 -2.62 7.59
C LYS A 181 6.26 -2.63 8.29
N ALA A 182 5.70 -3.81 8.48
CA ALA A 182 4.39 -3.90 9.16
C ALA A 182 4.44 -3.59 10.66
N VAL A 183 5.54 -4.01 11.34
CA VAL A 183 5.70 -3.82 12.79
C VAL A 183 6.14 -2.39 13.15
N HIS A 184 7.31 -1.97 12.65
CA HIS A 184 7.81 -0.63 12.95
C HIS A 184 7.09 0.49 12.16
N GLY A 185 6.70 0.20 10.93
CA GLY A 185 6.01 1.22 10.11
C GLY A 185 4.54 1.33 10.51
N LEU A 186 3.78 0.24 10.37
CA LEU A 186 2.31 0.27 10.58
C LEU A 186 1.88 0.05 12.03
N GLY A 187 2.77 -0.47 12.87
CA GLY A 187 2.45 -0.76 14.28
C GLY A 187 1.72 -2.08 14.58
N MET A 188 1.81 -3.05 13.67
CA MET A 188 1.27 -4.42 13.91
C MET A 188 2.14 -5.20 14.94
N LYS A 189 1.55 -6.26 15.52
CA LYS A 189 2.26 -7.28 16.30
C LYS A 189 2.53 -8.53 15.43
N LEU A 190 3.54 -9.33 15.79
CA LEU A 190 4.00 -10.43 14.92
C LEU A 190 4.08 -11.81 15.62
N VAL A 191 3.44 -12.81 15.00
CA VAL A 191 3.69 -14.23 15.35
C VAL A 191 4.15 -14.96 14.06
N TYR A 192 4.98 -15.98 14.21
CA TYR A 192 5.49 -16.71 13.03
C TYR A 192 5.61 -18.23 13.17
N TYR A 193 5.52 -18.91 12.02
CA TYR A 193 5.69 -20.38 11.90
C TYR A 193 6.73 -20.68 10.82
N ASP A 194 7.81 -21.38 11.19
CA ASP A 194 8.87 -21.75 10.22
C ASP A 194 9.67 -22.96 10.72
N VAL A 195 10.21 -23.73 9.79
CA VAL A 195 11.01 -24.93 10.11
C VAL A 195 12.26 -24.67 10.98
N ALA A 196 12.87 -23.50 10.81
CA ALA A 196 13.99 -23.10 11.67
C ALA A 196 13.66 -21.81 12.43
N PRO A 197 14.17 -21.68 13.68
CA PRO A 197 13.91 -20.43 14.38
C PRO A 197 14.73 -19.28 13.81
N ALA A 198 14.15 -18.08 13.85
CA ALA A 198 14.90 -16.86 13.69
C ALA A 198 15.89 -16.79 14.85
N ASP A 199 17.00 -16.09 14.67
CA ASP A 199 17.95 -15.94 15.77
C ASP A 199 17.39 -15.01 16.85
N ALA A 200 17.95 -15.11 18.05
CA ALA A 200 17.55 -14.27 19.19
C ALA A 200 17.52 -12.76 18.84
N GLU A 201 18.50 -12.33 18.04
CA GLU A 201 18.62 -10.92 17.63
C GLU A 201 17.49 -10.45 16.70
N THR A 202 17.18 -11.25 15.67
CA THR A 202 16.07 -10.98 14.75
C THR A 202 14.75 -11.00 15.49
N GLU A 203 14.57 -12.04 16.32
CA GLU A 203 13.36 -12.15 17.13
C GLU A 203 13.16 -10.92 18.03
N LYS A 204 14.25 -10.41 18.61
CA LYS A 204 14.16 -9.22 19.48
C LYS A 204 13.84 -7.96 18.67
N ALA A 205 14.49 -7.82 17.51
CA ALA A 205 14.33 -6.62 16.68
C ALA A 205 12.89 -6.45 16.15
N LEU A 206 12.24 -7.58 15.85
CA LEU A 206 10.88 -7.58 15.28
C LEU A 206 9.79 -7.83 16.31
N GLY A 207 10.19 -8.10 17.55
CA GLY A 207 9.28 -8.62 18.58
C GLY A 207 8.57 -9.90 18.16
N ALA A 208 9.28 -10.79 17.46
CA ALA A 208 8.63 -11.96 16.83
C ALA A 208 8.49 -13.12 17.80
N GLU A 209 7.25 -13.59 17.99
CA GLU A 209 7.01 -14.78 18.81
C GLU A 209 6.76 -16.00 17.91
N ARG A 210 7.54 -17.06 18.13
CA ARG A 210 7.39 -18.32 17.38
C ARG A 210 6.23 -19.19 17.93
N VAL A 211 5.37 -19.68 17.03
CA VAL A 211 4.36 -20.74 17.39
C VAL A 211 4.75 -22.13 16.82
N ASP A 212 4.12 -23.19 17.33
CA ASP A 212 4.52 -24.59 17.01
C ASP A 212 3.75 -25.31 15.89
N SER A 213 2.62 -24.75 15.44
CA SER A 213 1.78 -25.41 14.43
C SER A 213 1.05 -24.38 13.57
N LEU A 214 0.62 -24.77 12.36
CA LEU A 214 -0.23 -23.89 11.53
C LEU A 214 -1.57 -23.56 12.18
N GLU A 215 -2.11 -24.49 12.97
CA GLU A 215 -3.36 -24.27 13.68
C GLU A 215 -3.22 -23.10 14.68
N GLU A 216 -2.11 -23.09 15.41
CA GLU A 216 -1.83 -22.05 16.41
C GLU A 216 -1.67 -20.72 15.70
N LEU A 217 -1.02 -20.74 14.53
CA LEU A 217 -0.85 -19.51 13.73
C LEU A 217 -2.20 -18.93 13.27
N ALA A 218 -3.08 -19.78 12.70
CA ALA A 218 -4.42 -19.38 12.28
C ALA A 218 -5.25 -18.79 13.44
N ARG A 219 -5.19 -19.45 14.61
CA ARG A 219 -6.00 -19.06 15.79
C ARG A 219 -5.64 -17.65 16.28
N ARG A 220 -4.38 -17.25 16.12
CA ARG A 220 -3.90 -15.97 16.66
C ARG A 220 -3.85 -14.78 15.68
N SER A 221 -4.03 -15.03 14.38
CA SER A 221 -3.89 -13.97 13.34
C SER A 221 -5.13 -13.13 12.95
N ASP A 222 -4.93 -11.82 12.78
CA ASP A 222 -5.94 -10.96 12.13
C ASP A 222 -5.71 -10.88 10.62
N CYS A 223 -4.45 -11.01 10.20
CA CYS A 223 -4.08 -11.13 8.78
C CYS A 223 -2.91 -12.10 8.67
N VAL A 224 -3.04 -13.10 7.80
CA VAL A 224 -1.98 -14.08 7.46
C VAL A 224 -1.21 -13.63 6.20
N SER A 225 0.14 -13.66 6.25
CA SER A 225 1.02 -13.40 5.08
C SER A 225 1.77 -14.69 4.67
N VAL A 226 1.45 -15.18 3.49
CA VAL A 226 2.09 -16.42 2.96
C VAL A 226 3.34 -16.05 2.13
N SER A 227 4.52 -16.52 2.59
CA SER A 227 5.82 -16.32 1.91
C SER A 227 6.76 -17.52 2.16
N VAL A 228 6.62 -18.56 1.33
CA VAL A 228 7.40 -19.82 1.46
C VAL A 228 7.87 -20.32 0.08
N PRO A 229 8.95 -21.13 0.02
CA PRO A 229 9.33 -21.78 -1.25
C PRO A 229 8.25 -22.77 -1.70
N TYR A 230 7.96 -22.81 -3.00
CA TYR A 230 6.99 -23.76 -3.55
C TYR A 230 7.60 -25.11 -3.90
N MET A 231 7.14 -26.15 -3.20
CA MET A 231 7.55 -27.53 -3.43
C MET A 231 6.32 -28.43 -3.29
N LYS A 232 6.51 -29.74 -3.38
CA LYS A 232 5.43 -30.71 -3.15
C LYS A 232 4.84 -30.54 -1.74
N LEU A 233 5.72 -30.35 -0.77
CA LEU A 233 5.34 -30.17 0.64
C LEU A 233 4.54 -28.88 0.92
N THR A 234 4.61 -27.91 0.01
CA THR A 234 3.86 -26.65 0.20
C THR A 234 2.65 -26.49 -0.75
N HIS A 235 2.39 -27.51 -1.60
CA HIS A 235 1.17 -27.55 -2.45
C HIS A 235 -0.09 -27.68 -1.58
N HIS A 236 -1.04 -26.74 -1.75
CA HIS A 236 -2.20 -26.63 -0.84
C HIS A 236 -1.83 -26.66 0.66
N LEU A 237 -0.73 -26.00 1.03
CA LEU A 237 -0.38 -25.86 2.47
C LEU A 237 -1.50 -25.17 3.25
N ILE A 238 -2.09 -24.16 2.63
CA ILE A 238 -3.25 -23.46 3.18
C ILE A 238 -4.54 -24.05 2.57
N ASP A 239 -5.22 -24.88 3.36
CA ASP A 239 -6.35 -25.70 2.88
C ASP A 239 -7.67 -25.47 3.66
N GLU A 240 -8.68 -26.33 3.46
CA GLU A 240 -9.94 -26.19 4.23
C GLU A 240 -9.73 -26.15 5.75
N ALA A 241 -8.86 -27.04 6.25
CA ALA A 241 -8.54 -27.16 7.68
C ALA A 241 -7.90 -25.89 8.28
N PHE A 242 -7.01 -25.24 7.52
CA PHE A 242 -6.46 -23.93 7.91
C PHE A 242 -7.53 -22.84 8.05
N PHE A 243 -8.39 -22.70 7.03
CA PHE A 243 -9.47 -21.72 7.10
C PHE A 243 -10.47 -21.97 8.24
N ALA A 244 -10.72 -23.25 8.53
CA ALA A 244 -11.58 -23.60 9.66
C ALA A 244 -11.00 -23.08 10.98
N ALA A 245 -9.67 -23.07 11.09
CA ALA A 245 -9.02 -22.62 12.33
C ALA A 245 -8.89 -21.09 12.48
N MET A 246 -9.07 -20.36 11.38
CA MET A 246 -8.97 -18.88 11.42
C MET A 246 -10.12 -18.17 12.21
N LYS A 247 -9.86 -16.93 12.63
CA LYS A 247 -10.88 -16.12 13.33
C LYS A 247 -11.95 -15.61 12.36
N PRO A 248 -13.22 -15.50 12.82
CA PRO A 248 -14.25 -14.91 11.97
C PRO A 248 -13.89 -13.47 11.58
N GLY A 249 -14.10 -13.16 10.31
CA GLY A 249 -13.86 -11.82 9.80
C GLY A 249 -12.38 -11.51 9.58
N SER A 250 -11.56 -12.56 9.45
CA SER A 250 -10.11 -12.40 9.23
C SER A 250 -9.70 -12.19 7.74
N ARG A 251 -8.38 -12.12 7.47
CA ARG A 251 -7.86 -11.69 6.17
C ARG A 251 -6.60 -12.50 5.82
N ILE A 252 -6.29 -12.62 4.52
CA ILE A 252 -5.10 -13.39 4.03
C ILE A 252 -4.48 -12.75 2.76
N VAL A 253 -3.15 -12.75 2.66
CA VAL A 253 -2.44 -12.31 1.42
C VAL A 253 -1.42 -13.35 0.96
N ASN A 254 -1.18 -13.41 -0.36
CA ASN A 254 -0.19 -14.36 -0.94
C ASN A 254 0.66 -13.70 -2.02
N THR A 255 1.97 -13.72 -1.80
CA THR A 255 2.95 -13.25 -2.80
C THR A 255 3.96 -14.36 -3.16
N ALA A 256 3.67 -15.60 -2.76
CA ALA A 256 4.60 -16.73 -2.94
C ALA A 256 4.40 -17.42 -4.31
N ARG A 257 3.69 -18.55 -4.31
CA ARG A 257 3.20 -19.17 -5.56
C ARG A 257 1.71 -19.48 -5.43
N GLY A 258 1.00 -19.41 -6.56
CA GLY A 258 -0.47 -19.59 -6.61
C GLY A 258 -1.04 -20.84 -5.93
N PRO A 259 -0.55 -22.04 -6.31
CA PRO A 259 -1.05 -23.27 -5.65
C PRO A 259 -0.76 -23.46 -4.15
N VAL A 260 0.02 -22.57 -3.50
CA VAL A 260 0.26 -22.71 -2.05
C VAL A 260 -1.07 -22.57 -1.26
N ILE A 261 -1.97 -21.74 -1.78
CA ILE A 261 -3.35 -21.64 -1.24
C ILE A 261 -4.33 -22.36 -2.20
N SER A 262 -5.15 -23.28 -1.66
CA SER A 262 -6.25 -23.87 -2.46
C SER A 262 -7.26 -22.82 -2.87
N GLN A 263 -7.45 -22.60 -4.18
CA GLN A 263 -8.44 -21.66 -4.73
C GLN A 263 -9.87 -21.98 -4.28
N ASP A 264 -10.25 -23.26 -4.29
CA ASP A 264 -11.60 -23.66 -3.89
C ASP A 264 -11.87 -23.49 -2.38
N ALA A 265 -10.86 -23.77 -1.55
CA ALA A 265 -10.98 -23.56 -0.10
C ALA A 265 -11.12 -22.06 0.23
N LEU A 266 -10.36 -21.23 -0.48
CA LEU A 266 -10.42 -19.76 -0.32
C LEU A 266 -11.82 -19.19 -0.66
N ILE A 267 -12.33 -19.58 -1.84
CA ILE A 267 -13.66 -19.15 -2.30
C ILE A 267 -14.74 -19.53 -1.27
N ALA A 268 -14.70 -20.77 -0.77
CA ALA A 268 -15.67 -21.23 0.25
C ALA A 268 -15.62 -20.43 1.56
N ALA A 269 -14.41 -20.08 1.98
CA ALA A 269 -14.22 -19.27 3.21
C ALA A 269 -14.74 -17.84 3.06
N LEU A 270 -14.67 -17.28 1.86
CA LEU A 270 -15.20 -15.94 1.60
C LEU A 270 -16.74 -16.00 1.54
N LYS A 271 -17.27 -17.00 0.83
CA LYS A 271 -18.73 -17.15 0.70
C LYS A 271 -19.45 -17.30 2.05
N SER A 272 -18.79 -17.93 3.01
CA SER A 272 -19.37 -18.17 4.36
C SER A 272 -19.22 -17.02 5.35
N GLY A 273 -18.37 -16.04 5.03
CA GLY A 273 -18.04 -14.94 5.94
C GLY A 273 -16.91 -15.20 6.91
N LYS A 274 -16.30 -16.39 6.85
CA LYS A 274 -15.11 -16.70 7.67
C LYS A 274 -13.99 -15.69 7.39
N LEU A 275 -13.68 -15.47 6.11
CA LEU A 275 -12.80 -14.36 5.70
C LEU A 275 -13.63 -13.14 5.30
N LEU A 276 -13.24 -11.95 5.79
CA LEU A 276 -13.79 -10.69 5.28
C LEU A 276 -13.22 -10.32 3.89
N SER A 277 -11.92 -10.53 3.73
CA SER A 277 -11.22 -10.09 2.50
C SER A 277 -9.95 -10.89 2.25
N ALA A 278 -9.47 -10.85 1.00
CA ALA A 278 -8.22 -11.52 0.59
C ALA A 278 -7.46 -10.78 -0.51
N GLY A 279 -6.14 -10.95 -0.56
CA GLY A 279 -5.34 -10.33 -1.63
C GLY A 279 -4.39 -11.33 -2.28
N LEU A 280 -4.51 -11.54 -3.59
CA LEU A 280 -3.61 -12.48 -4.32
C LEU A 280 -2.86 -11.79 -5.46
N ASP A 281 -1.53 -11.82 -5.37
CA ASP A 281 -0.66 -11.46 -6.50
C ASP A 281 -0.36 -12.71 -7.38
N VAL A 282 -0.54 -13.90 -6.79
CA VAL A 282 -0.25 -15.20 -7.44
C VAL A 282 -1.52 -16.11 -7.43
N HIS A 283 -1.72 -16.92 -8.48
CA HIS A 283 -3.03 -17.56 -8.75
C HIS A 283 -2.88 -19.06 -9.05
N GLU A 284 -3.78 -19.89 -8.50
CA GLU A 284 -3.64 -21.36 -8.62
C GLU A 284 -3.49 -21.83 -10.08
N PHE A 285 -4.31 -21.26 -10.97
CA PHE A 285 -4.32 -21.62 -12.41
C PHE A 285 -3.78 -20.50 -13.32
N GLU A 286 -2.84 -19.71 -12.77
CA GLU A 286 -2.15 -18.62 -13.49
C GLU A 286 -1.68 -19.08 -14.89
N PRO A 287 -1.94 -18.29 -15.96
CA PRO A 287 -2.47 -16.92 -16.03
C PRO A 287 -4.00 -16.77 -16.07
N GLN A 288 -4.75 -17.82 -15.73
CA GLN A 288 -6.21 -17.71 -15.59
C GLN A 288 -6.60 -17.32 -14.15
N VAL A 289 -7.03 -16.07 -13.98
CA VAL A 289 -7.56 -15.56 -12.69
C VAL A 289 -8.99 -16.10 -12.49
N SER A 290 -9.35 -16.41 -11.24
CA SER A 290 -10.68 -16.94 -10.88
C SER A 290 -11.84 -15.96 -11.15
N LYS A 291 -12.77 -16.34 -12.03
CA LYS A 291 -13.96 -15.51 -12.31
C LYS A 291 -14.90 -15.37 -11.10
N GLU A 292 -14.95 -16.41 -10.28
CA GLU A 292 -15.67 -16.37 -9.00
C GLU A 292 -15.09 -15.35 -8.00
N LEU A 293 -13.76 -15.27 -7.91
CA LEU A 293 -13.08 -14.25 -7.09
C LEU A 293 -13.28 -12.84 -7.63
N ILE A 294 -13.17 -12.69 -8.95
CA ILE A 294 -13.44 -11.40 -9.63
C ILE A 294 -14.83 -10.86 -9.30
N GLU A 295 -15.87 -11.70 -9.35
CA GLU A 295 -17.26 -11.21 -9.17
C GLU A 295 -17.65 -10.76 -7.74
N MET A 296 -16.76 -11.00 -6.76
CA MET A 296 -16.97 -10.63 -5.36
C MET A 296 -16.61 -9.17 -5.03
N LYS A 297 -16.96 -8.72 -3.82
CA LYS A 297 -16.70 -7.32 -3.43
C LYS A 297 -15.25 -7.10 -3.01
N HIS A 298 -14.72 -8.00 -2.19
CA HIS A 298 -13.49 -7.70 -1.41
C HIS A 298 -12.25 -8.53 -1.65
N VAL A 299 -12.04 -8.95 -2.90
CA VAL A 299 -10.83 -9.70 -3.25
C VAL A 299 -9.94 -8.83 -4.14
N THR A 300 -8.76 -8.50 -3.62
CA THR A 300 -7.75 -7.72 -4.36
C THR A 300 -6.92 -8.66 -5.23
N LEU A 301 -6.85 -8.37 -6.54
CA LEU A 301 -6.20 -9.26 -7.53
C LEU A 301 -5.21 -8.50 -8.44
N THR A 302 -3.96 -8.96 -8.49
CA THR A 302 -2.91 -8.30 -9.30
C THR A 302 -2.20 -9.31 -10.25
N THR A 303 -1.51 -8.81 -11.29
CA THR A 303 -0.90 -9.69 -12.31
C THR A 303 0.55 -10.18 -12.02
N HIS A 304 0.75 -10.88 -10.90
CA HIS A 304 2.07 -11.35 -10.47
C HIS A 304 3.16 -10.26 -10.62
N ILE A 305 2.90 -9.08 -10.05
CA ILE A 305 3.85 -7.94 -10.13
C ILE A 305 4.80 -7.82 -8.92
N GLY A 306 4.73 -8.78 -7.97
CA GLY A 306 5.59 -8.78 -6.77
C GLY A 306 7.03 -8.29 -6.98
N GLY A 307 7.79 -8.94 -7.85
CA GLY A 307 9.20 -8.53 -8.08
C GLY A 307 9.41 -7.60 -9.26
N VAL A 308 8.32 -7.15 -9.89
CA VAL A 308 8.36 -6.38 -11.15
C VAL A 308 8.67 -4.88 -10.89
N ALA A 309 9.96 -4.59 -10.81
CA ALA A 309 10.47 -3.22 -10.60
C ALA A 309 11.84 -3.14 -11.28
N ILE A 310 12.14 -1.99 -11.89
CA ILE A 310 13.40 -1.82 -12.63
C ILE A 310 14.65 -2.20 -11.79
N GLU A 311 14.63 -1.86 -10.49
CA GLU A 311 15.75 -2.15 -9.56
C GLU A 311 16.02 -3.68 -9.37
N THR A 312 14.96 -4.48 -9.43
CA THR A 312 15.10 -5.96 -9.38
C THR A 312 15.92 -6.44 -10.59
N PHE A 313 15.59 -5.91 -11.78
CA PHE A 313 16.23 -6.32 -13.04
C PHE A 313 17.72 -5.92 -13.08
N HIS A 314 18.04 -4.75 -12.52
CA HIS A 314 19.45 -4.34 -12.31
C HIS A 314 20.20 -5.34 -11.48
N GLU A 315 19.60 -5.77 -10.37
CA GLU A 315 20.21 -6.74 -9.47
C GLU A 315 20.34 -8.16 -10.09
N PHE A 316 19.38 -8.57 -10.93
CA PHE A 316 19.53 -9.83 -11.74
C PHE A 316 20.82 -9.80 -12.59
N GLU A 317 21.08 -8.67 -13.27
CA GLU A 317 22.32 -8.51 -14.06
C GLU A 317 23.58 -8.45 -13.18
N ARG A 318 23.52 -7.72 -12.07
CA ARG A 318 24.68 -7.63 -11.16
C ARG A 318 25.05 -8.99 -10.58
N LEU A 319 24.03 -9.72 -10.06
CA LEU A 319 24.28 -11.03 -9.44
C LEU A 319 24.83 -12.07 -10.43
N THR A 320 24.24 -12.17 -11.62
CA THR A 320 24.69 -13.22 -12.57
C THR A 320 26.17 -12.99 -12.98
N MET A 321 26.53 -11.76 -13.32
CA MET A 321 27.93 -11.45 -13.72
C MET A 321 28.90 -11.64 -12.57
N THR A 322 28.52 -11.15 -11.39
CA THR A 322 29.36 -11.20 -10.19
C THR A 322 29.63 -12.63 -9.71
N ASN A 323 28.59 -13.48 -9.73
CA ASN A 323 28.74 -14.92 -9.43
C ASN A 323 29.81 -15.62 -10.29
N ILE A 324 29.76 -15.39 -11.60
CA ILE A 324 30.73 -16.05 -12.52
C ILE A 324 32.16 -15.49 -12.36
N ASP A 325 32.26 -14.17 -12.16
CA ASP A 325 33.55 -13.48 -11.88
C ASP A 325 34.21 -14.06 -10.61
N ARG A 326 33.45 -14.09 -9.50
CA ARG A 326 33.95 -14.67 -8.23
C ARG A 326 34.45 -16.11 -8.40
N PHE A 327 33.60 -16.96 -9.00
CA PHE A 327 33.81 -18.42 -9.05
C PHE A 327 34.95 -18.86 -9.99
N LEU A 328 35.17 -18.13 -11.08
CA LEU A 328 36.19 -18.51 -12.08
C LEU A 328 37.49 -17.67 -12.07
N LEU A 329 37.43 -16.45 -11.53
CA LEU A 329 38.59 -15.54 -11.58
C LEU A 329 39.16 -15.15 -10.20
N GLN A 330 38.34 -15.14 -9.16
CA GLN A 330 38.75 -14.60 -7.84
C GLN A 330 39.00 -15.68 -6.79
N GLY A 331 38.69 -16.93 -7.13
CA GLY A 331 38.81 -18.05 -6.18
C GLY A 331 37.86 -17.96 -4.99
N LYS A 332 36.68 -17.37 -5.22
CA LYS A 332 35.71 -17.13 -4.15
C LYS A 332 34.38 -17.89 -4.41
N PRO A 333 33.67 -18.28 -3.34
CA PRO A 333 32.41 -19.01 -3.54
C PRO A 333 31.31 -18.12 -4.15
N LEU A 334 30.32 -18.76 -4.80
CA LEU A 334 29.09 -18.09 -5.25
C LEU A 334 28.37 -17.33 -4.11
N LEU A 335 27.73 -16.22 -4.45
CA LEU A 335 26.89 -15.46 -3.51
C LEU A 335 25.55 -16.16 -3.27
N THR A 336 25.00 -16.73 -4.33
CA THR A 336 23.63 -17.27 -4.31
C THR A 336 23.52 -18.68 -4.92
N PRO A 337 24.24 -19.68 -4.34
CA PRO A 337 24.15 -21.04 -4.87
C PRO A 337 22.74 -21.61 -4.67
N ALA A 338 22.32 -22.50 -5.56
CA ALA A 338 21.11 -23.31 -5.35
C ALA A 338 21.40 -24.76 -5.75
N GLY A 339 21.14 -25.69 -4.84
CA GLY A 339 21.57 -27.10 -5.03
C GLY A 339 22.94 -27.36 -4.44
N LYS A 340 23.66 -28.31 -5.03
CA LYS A 340 25.00 -28.68 -4.54
C LYS A 340 26.05 -27.55 -4.71
N VAL A 341 26.97 -27.45 -3.74
CA VAL A 341 28.09 -26.49 -3.73
C VAL A 341 29.42 -27.18 -4.10
N PHE A 342 30.20 -26.52 -4.96
CA PHE A 342 31.46 -27.03 -5.51
C PHE A 342 32.57 -25.99 -5.27
N ALA A 343 33.83 -26.39 -5.45
CA ALA A 343 35.01 -25.52 -5.19
C ALA A 343 35.24 -24.46 -6.26
N PRO A 344 35.58 -23.22 -5.85
CA PRO A 344 35.91 -22.18 -6.84
C PRO A 344 37.30 -22.33 -7.47
N SER A 345 37.61 -21.47 -8.44
CA SER A 345 38.97 -21.38 -9.02
C SER A 345 39.39 -19.93 -9.30
N SER A 346 40.66 -19.71 -9.66
CA SER A 346 41.18 -18.35 -9.86
C SER A 346 41.96 -18.17 -11.16
N PRO B 2 -30.64 21.19 37.83
CA PRO B 2 -30.87 19.86 37.18
C PRO B 2 -29.91 19.67 36.01
N ARG B 3 -29.98 18.51 35.38
CA ARG B 3 -29.04 18.10 34.33
C ARG B 3 -28.97 19.09 33.16
N PRO B 4 -27.74 19.45 32.70
CA PRO B 4 -27.66 20.24 31.47
C PRO B 4 -28.24 19.47 30.27
N ARG B 5 -28.70 20.21 29.25
CA ARG B 5 -29.45 19.65 28.12
C ARG B 5 -28.59 19.72 26.83
N VAL B 6 -28.59 18.63 26.05
CA VAL B 6 -27.71 18.46 24.86
C VAL B 6 -28.51 18.09 23.59
N LEU B 7 -28.44 18.93 22.55
CA LEU B 7 -29.09 18.64 21.27
C LEU B 7 -28.23 17.63 20.49
N LEU B 8 -28.84 16.51 20.06
CA LEU B 8 -28.18 15.45 19.28
C LEU B 8 -28.46 15.61 17.79
N LEU B 9 -27.43 15.88 16.99
CA LEU B 9 -27.55 16.03 15.53
C LEU B 9 -27.35 14.68 14.83
N GLY B 10 -28.46 14.10 14.39
CA GLY B 10 -28.41 12.78 13.74
C GLY B 10 -28.36 11.58 14.69
N ASP B 11 -27.79 10.47 14.21
CA ASP B 11 -27.80 9.19 14.93
C ASP B 11 -27.07 9.19 16.30
N PRO B 12 -27.55 8.38 17.27
CA PRO B 12 -26.83 8.21 18.57
C PRO B 12 -25.56 7.38 18.38
N ALA B 13 -24.87 7.05 19.49
CA ALA B 13 -23.56 6.36 19.43
C ALA B 13 -23.65 4.94 18.83
N ARG B 14 -22.59 4.51 18.14
CA ARG B 14 -22.53 3.15 17.55
C ARG B 14 -21.41 2.26 18.11
N HIS B 15 -20.45 2.83 18.81
CA HIS B 15 -19.22 2.11 19.17
C HIS B 15 -18.99 2.01 20.69
N LEU B 16 -19.15 3.13 21.39
CA LEU B 16 -18.81 3.21 22.82
C LEU B 16 -20.07 3.16 23.69
N ASP B 17 -20.66 1.98 23.80
CA ASP B 17 -21.98 1.83 24.46
C ASP B 17 -21.96 2.25 25.96
N ASP B 18 -20.95 1.80 26.71
CA ASP B 18 -20.78 2.21 28.15
C ASP B 18 -20.61 3.73 28.37
N LEU B 19 -19.74 4.37 27.59
CA LEU B 19 -19.57 5.83 27.68
C LEU B 19 -20.84 6.58 27.28
N TRP B 20 -21.56 6.10 26.26
CA TRP B 20 -22.86 6.70 25.86
C TRP B 20 -23.97 6.57 26.92
N SER B 21 -24.05 5.41 27.60
CA SER B 21 -25.00 5.26 28.71
C SER B 21 -24.70 6.22 29.86
N ASP B 22 -23.41 6.36 30.20
CA ASP B 22 -22.92 7.37 31.18
C ASP B 22 -23.33 8.81 30.81
N PHE B 23 -23.16 9.13 29.52
CA PHE B 23 -23.48 10.47 28.98
C PHE B 23 -24.97 10.76 29.15
N GLN B 24 -25.82 9.77 28.86
CA GLN B 24 -27.29 9.94 28.93
C GLN B 24 -27.80 10.00 30.38
N GLN B 25 -26.98 9.57 31.33
CA GLN B 25 -27.31 9.71 32.77
C GLN B 25 -27.00 11.13 33.25
N LYS B 26 -25.80 11.62 32.91
CA LYS B 26 -25.36 12.98 33.29
C LYS B 26 -26.13 14.14 32.59
N PHE B 27 -26.58 13.90 31.36
CA PHE B 27 -27.16 14.96 30.49
C PHE B 27 -28.53 14.54 29.91
N GLU B 28 -29.49 15.47 29.82
CA GLU B 28 -30.74 15.21 29.07
C GLU B 28 -30.46 15.37 27.57
N VAL B 29 -30.46 14.25 26.83
CA VAL B 29 -30.14 14.25 25.37
C VAL B 29 -31.41 14.35 24.54
N ILE B 30 -31.47 15.38 23.70
CA ILE B 30 -32.64 15.75 22.87
C ILE B 30 -32.40 15.43 21.36
N PRO B 31 -33.11 14.44 20.78
CA PRO B 31 -32.98 14.22 19.31
C PRO B 31 -33.46 15.42 18.47
N ALA B 32 -32.64 15.90 17.52
CA ALA B 32 -33.05 17.01 16.63
C ALA B 32 -34.17 16.60 15.66
N ASN B 33 -34.26 15.31 15.36
CA ASN B 33 -35.28 14.79 14.42
C ASN B 33 -35.29 15.56 13.08
N LEU B 34 -34.11 15.66 12.47
CA LEU B 34 -33.96 16.55 11.31
C LEU B 34 -34.81 16.14 10.08
N THR B 35 -35.35 17.14 9.38
CA THR B 35 -35.99 16.95 8.05
C THR B 35 -35.19 17.69 6.94
N THR B 36 -35.30 19.02 6.91
CA THR B 36 -34.52 19.86 5.97
C THR B 36 -33.85 21.02 6.72
N HIS B 37 -32.86 21.65 6.09
CA HIS B 37 -32.18 22.81 6.66
C HIS B 37 -33.14 23.96 7.01
N ASP B 38 -34.02 24.32 6.07
CA ASP B 38 -34.96 25.43 6.30
C ASP B 38 -35.95 25.07 7.43
N GLY B 39 -36.35 23.80 7.49
CA GLY B 39 -37.22 23.29 8.56
C GLY B 39 -36.59 23.34 9.96
N PHE B 40 -35.27 23.12 10.03
CA PHE B 40 -34.46 23.24 11.29
C PHE B 40 -34.35 24.69 11.74
N LYS B 41 -34.12 25.61 10.81
CA LYS B 41 -34.11 27.04 11.18
C LYS B 41 -35.45 27.46 11.78
N GLN B 42 -36.55 26.92 11.23
CA GLN B 42 -37.88 27.30 11.67
C GLN B 42 -38.17 26.73 13.08
N ALA B 43 -37.66 25.52 13.31
CA ALA B 43 -37.73 24.86 14.64
C ALA B 43 -37.03 25.69 15.72
N LEU B 44 -35.82 26.17 15.43
CA LEU B 44 -35.06 27.02 16.33
C LEU B 44 -35.78 28.35 16.58
N ARG B 45 -36.32 28.96 15.51
CA ARG B 45 -37.09 30.20 15.63
C ARG B 45 -38.29 30.04 16.58
N GLU B 46 -39.01 28.92 16.46
CA GLU B 46 -40.17 28.61 17.33
C GLU B 46 -39.85 28.03 18.73
N LYS B 47 -38.56 27.98 19.07
CA LYS B 47 -38.08 27.42 20.36
C LYS B 47 -38.50 25.96 20.61
N ARG B 48 -38.58 25.15 19.54
CA ARG B 48 -39.14 23.78 19.63
C ARG B 48 -38.39 22.86 20.63
N TYR B 49 -37.08 23.04 20.73
CA TYR B 49 -36.22 22.22 21.61
C TYR B 49 -36.03 22.79 23.06
N GLY B 50 -36.59 23.97 23.34
CA GLY B 50 -36.28 24.69 24.61
C GLY B 50 -34.85 25.23 24.67
N ASP B 51 -34.44 25.70 25.85
CA ASP B 51 -33.06 26.15 26.11
C ASP B 51 -32.14 24.92 26.26
N PHE B 52 -31.04 24.85 25.50
CA PHE B 52 -30.03 23.78 25.68
C PHE B 52 -28.63 24.40 25.86
N GLU B 53 -27.72 23.66 26.52
CA GLU B 53 -26.38 24.16 26.85
C GLU B 53 -25.24 23.63 25.95
N ALA B 54 -25.51 22.52 25.24
CA ALA B 54 -24.54 21.93 24.31
C ALA B 54 -25.19 21.32 23.06
N ILE B 55 -24.37 21.13 22.02
CA ILE B 55 -24.71 20.35 20.83
C ILE B 55 -23.61 19.28 20.61
N ILE B 56 -24.00 18.06 20.26
CA ILE B 56 -23.07 16.95 19.91
C ILE B 56 -23.39 16.31 18.53
N LYS B 57 -22.31 15.96 17.80
CA LYS B 57 -22.40 15.42 16.43
C LYS B 57 -21.36 14.28 16.35
N LEU B 58 -21.85 13.03 16.44
CA LEU B 58 -20.99 11.85 16.69
C LEU B 58 -20.23 11.27 15.48
N ALA B 59 -20.61 11.68 14.27
CA ALA B 59 -19.98 11.18 13.04
C ALA B 59 -20.01 12.25 11.95
N VAL B 60 -19.05 12.15 11.02
CA VAL B 60 -18.92 13.16 9.95
C VAL B 60 -20.17 13.16 9.05
N GLU B 61 -20.69 11.97 8.79
CA GLU B 61 -21.90 11.80 7.96
C GLU B 61 -23.25 12.05 8.68
N ASN B 62 -23.23 12.34 9.98
CA ASN B 62 -24.46 12.54 10.77
C ASN B 62 -24.87 14.00 10.77
N GLY B 63 -26.17 14.26 10.66
CA GLY B 63 -26.71 15.62 10.80
C GLY B 63 -26.57 16.53 9.58
N THR B 64 -26.29 15.95 8.39
CA THR B 64 -25.98 16.76 7.20
C THR B 64 -27.20 17.54 6.66
N GLU B 65 -28.41 17.08 7.00
CA GLU B 65 -29.66 17.78 6.67
C GLU B 65 -29.68 19.21 7.24
N SER B 66 -28.97 19.45 8.35
CA SER B 66 -28.87 20.80 8.94
C SER B 66 -28.01 21.83 8.18
N TYR B 67 -27.13 21.40 7.27
CA TYR B 67 -26.13 22.28 6.66
C TYR B 67 -26.79 23.32 5.69
N PRO B 68 -26.19 24.52 5.57
CA PRO B 68 -25.02 25.02 6.30
C PRO B 68 -25.41 25.59 7.67
N TRP B 69 -24.45 25.58 8.59
CA TRP B 69 -24.52 26.35 9.84
C TRP B 69 -24.04 27.79 9.52
N ASN B 70 -24.90 28.51 8.80
CA ASN B 70 -24.61 29.90 8.42
C ASN B 70 -25.02 30.91 9.50
N ALA B 71 -24.72 32.19 9.26
CA ALA B 71 -25.11 33.28 10.18
C ALA B 71 -26.63 33.31 10.51
N ASP B 72 -27.49 33.10 9.51
CA ASP B 72 -28.96 33.12 9.73
C ASP B 72 -29.44 32.00 10.68
N LEU B 73 -28.96 30.77 10.44
CA LEU B 73 -29.26 29.63 11.35
C LEU B 73 -28.77 29.91 12.78
N ILE B 74 -27.51 30.32 12.90
CA ILE B 74 -26.85 30.60 14.19
C ILE B 74 -27.57 31.70 15.02
N SER B 75 -28.13 32.68 14.32
CA SER B 75 -28.86 33.78 14.97
C SER B 75 -30.08 33.32 15.79
N HIS B 76 -30.55 32.11 15.55
CA HIS B 76 -31.74 31.59 16.27
C HIS B 76 -31.41 30.57 17.37
N LEU B 77 -30.12 30.32 17.65
CA LEU B 77 -29.76 29.40 18.74
C LEU B 77 -30.05 30.04 20.12
N PRO B 78 -30.47 29.22 21.12
CA PRO B 78 -30.74 29.83 22.44
C PRO B 78 -29.49 30.42 23.13
N SER B 79 -29.65 31.53 23.86
CA SER B 79 -28.50 32.20 24.50
C SER B 79 -27.85 31.39 25.65
N SER B 80 -28.57 30.37 26.12
CA SER B 80 -28.06 29.35 27.08
C SER B 80 -26.91 28.47 26.52
N LEU B 81 -26.75 28.47 25.19
CA LEU B 81 -25.76 27.56 24.55
C LEU B 81 -24.31 27.95 24.90
N LYS B 82 -23.54 26.98 25.39
CA LYS B 82 -22.11 27.18 25.79
C LYS B 82 -21.06 26.45 24.91
N VAL B 83 -21.41 25.31 24.29
CA VAL B 83 -20.40 24.49 23.60
C VAL B 83 -21.00 23.56 22.54
N PHE B 84 -20.24 23.35 21.45
CA PHE B 84 -20.59 22.46 20.32
C PHE B 84 -19.34 21.58 20.05
N ALA B 85 -19.46 20.25 20.20
CA ALA B 85 -18.36 19.31 19.86
C ALA B 85 -18.76 18.42 18.67
N ALA B 86 -17.87 18.30 17.67
CA ALA B 86 -18.19 17.55 16.43
C ALA B 86 -17.08 16.60 16.00
N ALA B 87 -17.47 15.46 15.40
CA ALA B 87 -16.55 14.54 14.74
C ALA B 87 -15.81 15.18 13.55
N GLY B 88 -14.58 14.71 13.28
CA GLY B 88 -13.82 15.12 12.09
C GLY B 88 -12.98 16.38 12.32
N ALA B 89 -12.37 16.91 11.25
CA ALA B 89 -11.76 18.26 11.33
C ALA B 89 -11.81 18.96 9.98
N GLY B 90 -11.82 20.29 10.00
CA GLY B 90 -11.86 21.07 8.75
C GLY B 90 -13.25 21.04 8.14
N PHE B 91 -14.08 22.02 8.53
CA PHE B 91 -15.51 21.99 8.24
C PHE B 91 -15.98 23.14 7.38
N ASP B 92 -16.17 22.87 6.09
CA ASP B 92 -16.67 23.86 5.15
C ASP B 92 -18.11 24.30 5.48
N TRP B 93 -18.83 23.54 6.31
CA TRP B 93 -20.25 23.79 6.60
C TRP B 93 -20.54 24.77 7.76
N LEU B 94 -19.50 25.22 8.48
CA LEU B 94 -19.66 26.04 9.70
C LEU B 94 -19.08 27.46 9.60
N ASP B 95 -19.90 28.46 9.96
CA ASP B 95 -19.45 29.86 10.10
C ASP B 95 -18.93 30.02 11.54
N LEU B 96 -17.66 29.66 11.73
CA LEU B 96 -17.05 29.64 13.08
C LEU B 96 -16.97 31.01 13.76
N ASP B 97 -16.69 32.06 12.99
CA ASP B 97 -16.70 33.41 13.59
C ASP B 97 -18.08 33.84 14.13
N ALA B 98 -19.15 33.50 13.40
CA ALA B 98 -20.51 33.81 13.88
C ALA B 98 -20.88 33.05 15.17
N LEU B 99 -20.45 31.79 15.27
CA LEU B 99 -20.67 30.98 16.48
C LEU B 99 -19.93 31.56 17.71
N ASN B 100 -18.64 31.85 17.56
CA ASN B 100 -17.85 32.47 18.64
C ASN B 100 -18.37 33.85 19.09
N GLU B 101 -18.94 34.64 18.16
CA GLU B 101 -19.57 35.95 18.47
C GLU B 101 -20.69 35.83 19.49
N ARG B 102 -21.40 34.67 19.49
CA ARG B 102 -22.47 34.38 20.46
C ARG B 102 -21.95 33.80 21.79
N GLY B 103 -20.63 33.76 21.95
CA GLY B 103 -20.03 33.24 23.18
C GLY B 103 -20.05 31.71 23.28
N VAL B 104 -20.13 31.03 22.12
CA VAL B 104 -20.17 29.56 22.04
C VAL B 104 -18.79 29.00 21.68
N ALA B 105 -18.26 28.10 22.52
CA ALA B 105 -16.97 27.43 22.32
C ALA B 105 -17.15 26.25 21.35
N PHE B 106 -16.17 26.04 20.46
CA PHE B 106 -16.22 24.91 19.51
C PHE B 106 -15.01 23.94 19.72
N ALA B 107 -15.27 22.66 19.53
CA ALA B 107 -14.22 21.63 19.45
C ALA B 107 -14.48 20.72 18.25
N ASN B 108 -13.41 20.49 17.47
CA ASN B 108 -13.43 19.38 16.51
C ASN B 108 -12.86 18.10 17.18
N SER B 109 -12.47 17.11 16.38
CA SER B 109 -11.87 15.87 16.88
C SER B 109 -10.48 15.69 16.24
N ARG B 110 -9.72 16.79 16.18
CA ARG B 110 -8.32 16.77 15.68
C ARG B 110 -7.46 15.63 16.27
N GLY B 111 -6.78 14.91 15.36
CA GLY B 111 -5.87 13.82 15.72
C GLY B 111 -6.46 12.43 15.61
N ALA B 112 -7.80 12.31 15.68
CA ALA B 112 -8.45 10.97 15.73
C ALA B 112 -8.12 10.09 14.54
N GLY B 113 -8.03 10.70 13.35
CA GLY B 113 -7.75 9.96 12.10
C GLY B 113 -6.31 10.01 11.58
N ASP B 114 -5.34 10.38 12.43
CA ASP B 114 -3.91 10.48 11.97
C ASP B 114 -3.37 9.14 11.43
N THR B 115 -3.64 8.04 12.12
CA THR B 115 -3.14 6.73 11.67
C THR B 115 -3.79 6.31 10.34
N ALA B 116 -5.14 6.40 10.29
CA ALA B 116 -5.88 6.01 9.07
C ALA B 116 -5.47 6.84 7.83
N THR B 117 -5.41 8.18 7.95
CA THR B 117 -5.14 9.04 6.79
C THR B 117 -3.70 8.84 6.28
N SER B 118 -2.74 8.74 7.22
CA SER B 118 -1.32 8.49 6.81
C SER B 118 -1.11 7.11 6.13
N ASP B 119 -1.78 6.06 6.66
CA ASP B 119 -1.74 4.72 6.02
C ASP B 119 -2.32 4.75 4.59
N LEU B 120 -3.45 5.47 4.39
CA LEU B 120 -4.09 5.56 3.04
C LEU B 120 -3.19 6.33 2.07
N ALA B 121 -2.51 7.38 2.55
CA ALA B 121 -1.50 8.06 1.70
C ALA B 121 -0.34 7.14 1.29
N LEU B 122 0.12 6.29 2.23
CA LEU B 122 1.18 5.29 1.94
C LEU B 122 0.73 4.28 0.87
N TYR B 123 -0.54 3.84 0.94
CA TYR B 123 -1.15 3.00 -0.11
C TYR B 123 -1.10 3.67 -1.51
N LEU B 124 -1.49 4.94 -1.59
CA LEU B 124 -1.44 5.68 -2.88
C LEU B 124 0.01 5.84 -3.40
N ILE B 125 0.96 6.08 -2.49
CA ILE B 125 2.42 6.16 -2.86
C ILE B 125 2.93 4.85 -3.46
N LEU B 126 2.62 3.73 -2.80
CA LEU B 126 2.92 2.41 -3.36
C LEU B 126 2.25 2.22 -4.73
N SER B 127 0.94 2.55 -4.83
CA SER B 127 0.23 2.43 -6.12
C SER B 127 0.87 3.18 -7.31
N VAL B 128 1.26 4.44 -7.10
CA VAL B 128 1.80 5.27 -8.19
C VAL B 128 3.22 4.86 -8.61
N PHE B 129 4.02 4.31 -7.69
CA PHE B 129 5.36 3.81 -8.02
C PHE B 129 5.31 2.46 -8.77
N ARG B 130 4.34 1.62 -8.42
CA ARG B 130 4.26 0.20 -8.90
C ARG B 130 3.26 -0.05 -10.06
N LEU B 131 2.46 0.97 -10.37
CA LEU B 131 1.36 0.89 -11.37
C LEU B 131 0.35 -0.24 -11.03
N ALA B 132 0.00 -0.33 -9.75
CA ALA B 132 -0.84 -1.43 -9.25
C ALA B 132 -2.30 -1.30 -9.65
N SER B 133 -2.77 -0.06 -9.81
CA SER B 133 -4.15 0.21 -10.22
C SER B 133 -4.44 -0.39 -11.62
N TYR B 134 -3.52 -0.17 -12.54
CA TYR B 134 -3.56 -0.73 -13.90
C TYR B 134 -3.50 -2.27 -13.86
N SER B 135 -2.59 -2.82 -13.05
CA SER B 135 -2.47 -4.25 -12.85
C SER B 135 -3.79 -4.90 -12.35
N GLU B 136 -4.47 -4.26 -11.38
CA GLU B 136 -5.78 -4.79 -10.90
C GLU B 136 -6.80 -4.88 -12.05
N ARG B 137 -6.92 -3.82 -12.84
CA ARG B 137 -7.91 -3.81 -13.95
C ARG B 137 -7.64 -4.89 -15.01
N ALA B 138 -6.36 -5.12 -15.31
CA ALA B 138 -5.95 -6.24 -16.19
C ALA B 138 -6.30 -7.62 -15.62
N ALA B 139 -6.04 -7.82 -14.32
CA ALA B 139 -6.41 -9.10 -13.67
C ALA B 139 -7.91 -9.38 -13.73
N ARG B 140 -8.71 -8.31 -13.58
CA ARG B 140 -10.16 -8.45 -13.50
CA ARG B 140 -10.17 -8.40 -13.50
C ARG B 140 -10.87 -8.66 -14.84
N THR B 141 -10.13 -8.61 -15.95
CA THR B 141 -10.65 -9.00 -17.28
C THR B 141 -10.88 -10.52 -17.34
N GLY B 142 -10.12 -11.28 -16.55
CA GLY B 142 -10.16 -12.74 -16.62
C GLY B 142 -9.58 -13.35 -17.89
N ASP B 143 -8.86 -12.54 -18.66
CA ASP B 143 -8.26 -12.95 -19.96
C ASP B 143 -6.75 -13.23 -19.83
N PRO B 144 -6.33 -14.50 -20.04
CA PRO B 144 -4.92 -14.94 -19.87
C PRO B 144 -3.89 -14.15 -20.69
N GLU B 145 -4.25 -13.77 -21.92
CA GLU B 145 -3.33 -13.00 -22.77
C GLU B 145 -3.13 -11.57 -22.25
N THR B 146 -4.21 -10.96 -21.76
CA THR B 146 -4.14 -9.63 -21.12
C THR B 146 -3.26 -9.68 -19.84
N PHE B 147 -3.38 -10.77 -19.07
CA PHE B 147 -2.56 -10.99 -17.86
C PHE B 147 -1.04 -10.99 -18.19
N ASN B 148 -0.62 -11.81 -19.15
CA ASN B 148 0.79 -11.84 -19.53
C ASN B 148 1.31 -10.53 -20.15
N ARG B 149 0.48 -9.89 -20.97
CA ARG B 149 0.91 -8.68 -21.65
C ARG B 149 1.17 -7.52 -20.66
N VAL B 150 0.24 -7.35 -19.71
CA VAL B 150 0.34 -6.26 -18.73
C VAL B 150 1.46 -6.48 -17.69
N HIS B 151 1.70 -7.74 -17.33
CA HIS B 151 2.84 -8.16 -16.50
C HIS B 151 4.16 -7.64 -17.11
N LEU B 152 4.33 -7.82 -18.42
CA LEU B 152 5.54 -7.35 -19.11
C LEU B 152 5.59 -5.82 -19.26
N GLU B 153 4.46 -5.22 -19.63
CA GLU B 153 4.36 -3.77 -19.84
C GLU B 153 4.77 -2.98 -18.57
N ILE B 154 4.27 -3.42 -17.41
CA ILE B 154 4.55 -2.73 -16.11
C ILE B 154 6.07 -2.70 -15.78
N GLY B 155 6.81 -3.72 -16.22
CA GLY B 155 8.24 -3.81 -15.97
C GLY B 155 9.04 -2.72 -16.66
N LYS B 156 8.47 -2.09 -17.69
CA LYS B 156 9.13 -0.98 -18.40
C LYS B 156 9.14 0.35 -17.61
N SER B 157 8.28 0.49 -16.59
CA SER B 157 8.04 1.80 -15.95
C SER B 157 7.97 1.79 -14.42
N ALA B 158 7.78 0.62 -13.83
CA ALA B 158 7.66 0.51 -12.36
C ALA B 158 9.02 0.66 -11.62
N HIS B 159 9.01 1.34 -10.46
CA HIS B 159 10.21 1.58 -9.61
C HIS B 159 9.97 1.30 -8.10
N ASN B 160 10.99 0.85 -7.34
CA ASN B 160 10.89 0.86 -5.85
C ASN B 160 10.91 2.30 -5.32
N PRO B 161 10.01 2.64 -4.36
CA PRO B 161 10.16 3.97 -3.68
C PRO B 161 11.57 4.18 -3.07
N ARG B 162 12.21 3.10 -2.61
CA ARG B 162 13.53 3.17 -1.94
C ARG B 162 14.52 4.06 -2.71
N GLY B 163 15.12 5.01 -1.99
CA GLY B 163 16.19 5.89 -2.52
C GLY B 163 15.70 7.08 -3.35
N HIS B 164 14.39 7.13 -3.61
CA HIS B 164 13.77 8.27 -4.32
C HIS B 164 13.29 9.33 -3.34
N VAL B 165 13.03 10.54 -3.84
CA VAL B 165 12.67 11.68 -2.97
C VAL B 165 11.13 11.84 -2.84
N LEU B 166 10.65 11.83 -1.62
CA LEU B 166 9.28 12.28 -1.29
C LEU B 166 9.29 13.79 -1.04
N GLY B 167 8.51 14.55 -1.82
CA GLY B 167 8.36 15.99 -1.56
C GLY B 167 7.07 16.32 -0.82
N ALA B 168 7.22 16.70 0.45
CA ALA B 168 6.06 17.00 1.30
C ALA B 168 5.64 18.47 1.14
N VAL B 169 4.39 18.68 0.75
CA VAL B 169 3.77 20.01 0.75
C VAL B 169 2.94 20.06 2.04
N GLY B 170 3.49 20.77 3.04
CA GLY B 170 2.96 20.72 4.41
C GLY B 170 3.70 19.68 5.25
N LEU B 171 4.03 19.98 6.51
CA LEU B 171 4.66 18.98 7.41
C LEU B 171 4.02 18.99 8.82
N GLY B 172 2.68 18.98 8.82
CA GLY B 172 1.86 18.86 10.03
C GLY B 172 1.74 17.44 10.54
N ALA B 173 0.79 17.21 11.46
CA ALA B 173 0.74 15.92 12.18
C ALA B 173 0.59 14.68 11.26
N ILE B 174 -0.33 14.75 10.29
CA ILE B 174 -0.56 13.62 9.38
C ILE B 174 0.68 13.38 8.52
N GLN B 175 1.24 14.46 7.95
CA GLN B 175 2.46 14.32 7.09
C GLN B 175 3.70 13.76 7.82
N LYS B 176 3.87 14.14 9.11
CA LYS B 176 4.95 13.58 9.92
C LYS B 176 4.85 12.05 9.99
N GLU B 177 3.63 11.52 10.01
CA GLU B 177 3.43 10.06 10.02
C GLU B 177 3.59 9.44 8.63
N ILE B 178 3.05 10.10 7.58
CA ILE B 178 3.38 9.74 6.19
C ILE B 178 4.93 9.60 6.01
N ALA B 179 5.68 10.64 6.43
CA ALA B 179 7.14 10.70 6.23
C ALA B 179 7.88 9.66 7.06
N ARG B 180 7.44 9.42 8.28
CA ARG B 180 8.06 8.38 9.14
C ARG B 180 7.95 6.99 8.45
N LYS B 181 6.76 6.70 7.95
CA LYS B 181 6.50 5.40 7.28
C LYS B 181 7.26 5.29 5.94
N ALA B 182 7.28 6.37 5.15
CA ALA B 182 7.96 6.38 3.84
C ALA B 182 9.49 6.35 3.95
N VAL B 183 10.04 7.07 4.94
CA VAL B 183 11.52 7.17 5.15
C VAL B 183 12.09 5.94 5.86
N HIS B 184 11.59 5.66 7.07
CA HIS B 184 12.10 4.51 7.85
C HIS B 184 11.62 3.16 7.33
N GLY B 185 10.35 3.08 6.91
CA GLY B 185 9.77 1.84 6.34
C GLY B 185 10.23 1.54 4.92
N LEU B 186 9.92 2.43 3.96
CA LEU B 186 10.21 2.17 2.53
C LEU B 186 11.60 2.60 2.06
N GLY B 187 12.29 3.44 2.83
CA GLY B 187 13.66 3.86 2.45
C GLY B 187 13.77 5.10 1.58
N MET B 188 12.71 5.91 1.55
CA MET B 188 12.72 7.17 0.78
C MET B 188 13.54 8.24 1.52
N LYS B 189 13.87 9.32 0.80
CA LYS B 189 14.51 10.54 1.32
C LYS B 189 13.47 11.68 1.36
N LEU B 190 13.58 12.60 2.33
CA LEU B 190 12.55 13.64 2.54
C LEU B 190 13.04 15.07 2.24
N VAL B 191 12.31 15.78 1.36
CA VAL B 191 12.44 17.26 1.19
C VAL B 191 11.07 17.87 1.45
N TYR B 192 11.02 19.04 2.12
CA TYR B 192 9.70 19.65 2.45
C TYR B 192 9.57 21.17 2.28
N TYR B 193 8.33 21.60 2.02
CA TYR B 193 7.92 23.01 2.17
C TYR B 193 6.84 23.11 3.27
N ASP B 194 7.02 24.06 4.20
CA ASP B 194 5.92 24.47 5.11
C ASP B 194 6.05 25.92 5.58
N VAL B 195 4.93 26.48 6.02
CA VAL B 195 4.90 27.86 6.50
C VAL B 195 5.79 28.07 7.75
N ALA B 196 6.02 27.01 8.53
CA ALA B 196 6.88 27.10 9.71
C ALA B 196 7.94 26.00 9.67
N PRO B 197 9.13 26.24 10.28
CA PRO B 197 10.15 25.19 10.29
C PRO B 197 9.74 24.03 11.19
N ALA B 198 10.12 22.81 10.82
CA ALA B 198 9.93 21.64 11.65
C ALA B 198 10.79 21.76 12.90
N ASP B 199 10.30 21.24 14.02
CA ASP B 199 11.09 21.22 15.23
C ASP B 199 12.42 20.48 14.98
N ALA B 200 13.44 20.82 15.75
CA ALA B 200 14.78 20.27 15.57
C ALA B 200 14.80 18.73 15.66
N GLU B 201 13.86 18.18 16.41
CA GLU B 201 13.75 16.72 16.58
C GLU B 201 13.06 16.01 15.42
N THR B 202 12.04 16.64 14.83
CA THR B 202 11.42 16.12 13.61
C THR B 202 12.48 16.09 12.49
N GLU B 203 13.22 17.19 12.33
CA GLU B 203 14.23 17.27 11.26
C GLU B 203 15.30 16.20 11.39
N LYS B 204 15.81 15.98 12.61
CA LYS B 204 16.85 14.99 12.83
C LYS B 204 16.35 13.55 12.60
N ALA B 205 15.15 13.25 13.08
CA ALA B 205 14.54 11.92 12.96
C ALA B 205 14.27 11.50 11.51
N LEU B 206 13.86 12.47 10.69
CA LEU B 206 13.41 12.17 9.30
C LEU B 206 14.49 12.44 8.26
N GLY B 207 15.59 13.05 8.68
CA GLY B 207 16.60 13.55 7.75
C GLY B 207 16.02 14.60 6.80
N ALA B 208 15.15 15.46 7.33
CA ALA B 208 14.35 16.40 6.52
C ALA B 208 15.17 17.60 6.03
N GLU B 209 15.13 17.87 4.72
CA GLU B 209 15.74 19.09 4.15
C GLU B 209 14.64 20.10 3.77
N ARG B 210 14.65 21.30 4.37
CA ARG B 210 13.65 22.33 4.03
C ARG B 210 14.05 23.15 2.78
N VAL B 211 13.09 23.43 1.92
CA VAL B 211 13.26 24.42 0.83
C VAL B 211 12.35 25.62 1.02
N ASP B 212 12.64 26.74 0.31
CA ASP B 212 11.92 28.01 0.54
C ASP B 212 10.64 28.23 -0.25
N SER B 213 10.49 27.55 -1.39
CA SER B 213 9.33 27.76 -2.28
C SER B 213 8.71 26.46 -2.83
N LEU B 214 7.47 26.56 -3.31
CA LEU B 214 6.77 25.40 -3.91
C LEU B 214 7.38 24.94 -5.25
N GLU B 215 7.87 25.87 -6.08
CA GLU B 215 8.60 25.48 -7.30
C GLU B 215 9.93 24.73 -7.02
N GLU B 216 10.66 25.13 -5.99
CA GLU B 216 11.84 24.38 -5.51
C GLU B 216 11.48 22.95 -5.06
N LEU B 217 10.40 22.84 -4.29
CA LEU B 217 9.91 21.52 -3.86
C LEU B 217 9.52 20.64 -5.06
N ALA B 218 8.72 21.18 -5.98
CA ALA B 218 8.32 20.45 -7.21
C ALA B 218 9.53 19.87 -7.98
N ARG B 219 10.56 20.69 -8.19
CA ARG B 219 11.74 20.29 -8.97
C ARG B 219 12.53 19.13 -8.33
N ARG B 220 12.55 19.08 -7.01
CA ARG B 220 13.40 18.11 -6.27
C ARG B 220 12.76 16.71 -6.15
N SER B 221 11.46 16.62 -6.42
CA SER B 221 10.66 15.42 -6.02
C SER B 221 10.52 14.32 -7.08
N ASP B 222 10.50 13.05 -6.63
CA ASP B 222 10.09 11.92 -7.46
C ASP B 222 8.59 11.62 -7.26
N CYS B 223 8.10 11.79 -6.02
CA CYS B 223 6.66 11.77 -5.73
C CYS B 223 6.32 12.93 -4.76
N VAL B 224 5.33 13.74 -5.12
CA VAL B 224 4.82 14.81 -4.21
C VAL B 224 3.65 14.30 -3.33
N SER B 225 3.65 14.63 -2.03
CA SER B 225 2.52 14.31 -1.12
C SER B 225 1.87 15.59 -0.62
N VAL B 226 0.59 15.80 -1.01
CA VAL B 226 -0.19 17.01 -0.59
C VAL B 226 -0.94 16.76 0.74
N SER B 227 -0.58 17.51 1.79
CA SER B 227 -1.25 17.42 3.11
C SER B 227 -1.19 18.79 3.83
N VAL B 228 -2.17 19.65 3.53
CA VAL B 228 -2.28 21.01 4.10
C VAL B 228 -3.77 21.31 4.39
N PRO B 229 -4.04 22.25 5.31
CA PRO B 229 -5.43 22.69 5.55
C PRO B 229 -6.01 23.39 4.33
N TYR B 230 -7.30 23.11 4.01
CA TYR B 230 -7.98 23.76 2.87
C TYR B 230 -8.65 25.09 3.32
N MET B 231 -8.29 26.17 2.63
CA MET B 231 -8.77 27.52 2.93
C MET B 231 -8.54 28.39 1.69
N LYS B 232 -8.95 29.67 1.73
CA LYS B 232 -8.86 30.51 0.52
C LYS B 232 -7.45 30.46 -0.10
N LEU B 233 -6.42 30.55 0.76
CA LEU B 233 -5.03 30.68 0.30
C LEU B 233 -4.42 29.36 -0.20
N THR B 234 -5.10 28.23 0.03
CA THR B 234 -4.67 26.94 -0.55
C THR B 234 -5.58 26.41 -1.70
N HIS B 235 -6.58 27.19 -2.14
CA HIS B 235 -7.36 26.84 -3.36
C HIS B 235 -6.50 26.88 -4.63
N HIS B 236 -6.44 25.77 -5.37
CA HIS B 236 -5.55 25.64 -6.52
C HIS B 236 -4.06 25.98 -6.18
N LEU B 237 -3.62 25.61 -4.96
CA LEU B 237 -2.20 25.70 -4.57
C LEU B 237 -1.30 24.98 -5.58
N ILE B 238 -1.75 23.80 -6.04
CA ILE B 238 -1.01 23.01 -7.03
C ILE B 238 -1.67 23.27 -8.40
N ASP B 239 -0.96 24.00 -9.26
CA ASP B 239 -1.53 24.54 -10.49
C ASP B 239 -0.61 24.30 -11.71
N GLU B 240 -0.94 24.92 -12.86
CA GLU B 240 -0.07 24.81 -14.06
C GLU B 240 1.43 25.07 -13.79
N ALA B 241 1.76 26.12 -13.04
CA ALA B 241 3.20 26.47 -12.79
C ALA B 241 3.93 25.39 -11.95
N PHE B 242 3.20 24.80 -11.00
CA PHE B 242 3.76 23.74 -10.16
C PHE B 242 4.13 22.52 -11.01
N PHE B 243 3.19 22.07 -11.87
CA PHE B 243 3.44 20.93 -12.75
C PHE B 243 4.57 21.22 -13.76
N ALA B 244 4.60 22.45 -14.29
CA ALA B 244 5.73 22.86 -15.17
C ALA B 244 7.09 22.67 -14.51
N ALA B 245 7.15 22.91 -13.20
CA ALA B 245 8.40 22.77 -12.41
C ALA B 245 8.79 21.33 -12.06
N MET B 246 7.84 20.39 -12.14
CA MET B 246 8.12 18.96 -11.83
C MET B 246 9.02 18.28 -12.88
N LYS B 247 9.72 17.21 -12.47
CA LYS B 247 10.57 16.51 -13.43
C LYS B 247 9.74 15.58 -14.34
N PRO B 248 10.22 15.35 -15.58
CA PRO B 248 9.52 14.41 -16.49
C PRO B 248 9.39 13.02 -15.89
N GLY B 249 8.20 12.43 -16.00
CA GLY B 249 7.95 11.08 -15.46
C GLY B 249 7.74 10.98 -13.95
N SER B 250 7.39 12.10 -13.32
CA SER B 250 7.15 12.16 -11.86
C SER B 250 5.69 11.78 -11.48
N ARG B 251 5.36 11.90 -10.18
CA ARG B 251 4.15 11.31 -9.57
C ARG B 251 3.60 12.26 -8.50
N ILE B 252 2.27 12.23 -8.28
CA ILE B 252 1.65 13.04 -7.18
C ILE B 252 0.47 12.33 -6.50
N VAL B 253 0.34 12.51 -5.18
CA VAL B 253 -0.83 11.99 -4.41
C VAL B 253 -1.49 13.09 -3.56
N ASN B 254 -2.81 13.00 -3.35
CA ASN B 254 -3.56 13.99 -2.54
C ASN B 254 -4.50 13.30 -1.55
N THR B 255 -4.31 13.58 -0.24
CA THR B 255 -5.23 13.12 0.81
C THR B 255 -5.84 14.29 1.61
N ALA B 256 -5.62 15.52 1.13
CA ALA B 256 -6.08 16.74 1.83
C ALA B 256 -7.55 17.11 1.52
N ARG B 257 -7.78 18.11 0.66
CA ARG B 257 -9.11 18.33 0.08
C ARG B 257 -9.01 18.44 -1.46
N GLY B 258 -10.08 18.09 -2.15
CA GLY B 258 -10.07 18.04 -3.64
C GLY B 258 -9.60 19.31 -4.35
N PRO B 259 -10.17 20.50 -4.02
CA PRO B 259 -9.75 21.72 -4.74
C PRO B 259 -8.32 22.24 -4.47
N VAL B 260 -7.55 21.58 -3.61
CA VAL B 260 -6.13 21.99 -3.41
C VAL B 260 -5.31 21.82 -4.73
N ILE B 261 -5.70 20.82 -5.53
CA ILE B 261 -5.13 20.59 -6.88
C ILE B 261 -6.14 20.95 -7.99
N SER B 262 -5.71 21.75 -8.98
CA SER B 262 -6.56 22.10 -10.13
C SER B 262 -6.78 20.85 -11.03
N GLN B 263 -8.03 20.38 -11.13
CA GLN B 263 -8.34 19.19 -11.96
C GLN B 263 -7.88 19.33 -13.41
N ASP B 264 -8.17 20.48 -14.03
CA ASP B 264 -7.77 20.72 -15.41
C ASP B 264 -6.25 20.70 -15.63
N ALA B 265 -5.49 21.33 -14.71
CA ALA B 265 -4.01 21.30 -14.79
C ALA B 265 -3.45 19.87 -14.64
N LEU B 266 -4.06 19.10 -13.74
CA LEU B 266 -3.62 17.70 -13.49
C LEU B 266 -3.82 16.84 -14.76
N ILE B 267 -5.03 16.94 -15.35
CA ILE B 267 -5.39 16.25 -16.61
C ILE B 267 -4.37 16.54 -17.71
N ALA B 268 -4.03 17.83 -17.87
CA ALA B 268 -3.09 18.27 -18.92
C ALA B 268 -1.68 17.70 -18.76
N ALA B 269 -1.21 17.69 -17.50
CA ALA B 269 0.13 17.18 -17.17
C ALA B 269 0.26 15.66 -17.36
N LEU B 270 -0.84 14.91 -17.13
CA LEU B 270 -0.86 13.49 -17.47
C LEU B 270 -0.92 13.28 -19.00
N LYS B 271 -1.81 14.03 -19.68
CA LYS B 271 -1.89 13.94 -21.17
C LYS B 271 -0.55 14.16 -21.90
N SER B 272 0.26 15.10 -21.40
CA SER B 272 1.55 15.44 -22.01
C SER B 272 2.70 14.47 -21.67
N GLY B 273 2.52 13.62 -20.67
CA GLY B 273 3.62 12.77 -20.19
C GLY B 273 4.50 13.38 -19.11
N LYS B 274 4.19 14.60 -18.69
CA LYS B 274 4.97 15.23 -17.59
C LYS B 274 4.86 14.35 -16.34
N LEU B 275 3.64 13.93 -16.03
CA LEU B 275 3.41 12.95 -14.96
C LEU B 275 3.23 11.55 -15.52
N LEU B 276 3.89 10.56 -14.90
CA LEU B 276 3.64 9.13 -15.18
C LEU B 276 2.31 8.65 -14.59
N SER B 277 2.07 9.06 -13.34
CA SER B 277 0.97 8.49 -12.55
C SER B 277 0.53 9.47 -11.43
N ALA B 278 -0.70 9.29 -10.96
CA ALA B 278 -1.25 10.12 -9.85
C ALA B 278 -2.25 9.33 -9.01
N GLY B 279 -2.40 9.72 -7.73
CA GLY B 279 -3.36 9.06 -6.81
C GLY B 279 -4.20 10.09 -6.04
N LEU B 280 -5.54 10.04 -6.20
CA LEU B 280 -6.45 10.98 -5.54
C LEU B 280 -7.49 10.25 -4.68
N ASP B 281 -7.47 10.53 -3.36
CA ASP B 281 -8.55 10.12 -2.44
C ASP B 281 -9.66 11.21 -2.38
N VAL B 282 -9.31 12.43 -2.79
CA VAL B 282 -10.20 13.60 -2.68
C VAL B 282 -10.28 14.31 -4.06
N HIS B 283 -11.46 14.89 -4.38
CA HIS B 283 -11.79 15.21 -5.79
C HIS B 283 -12.32 16.64 -5.89
N GLU B 284 -11.90 17.40 -6.91
CA GLU B 284 -12.29 18.85 -6.95
C GLU B 284 -13.83 19.07 -6.90
N PHE B 285 -14.57 18.25 -7.64
CA PHE B 285 -16.06 18.31 -7.73
C PHE B 285 -16.78 17.15 -7.03
N GLU B 286 -16.12 16.62 -5.99
CA GLU B 286 -16.68 15.58 -5.11
C GLU B 286 -18.16 15.86 -4.76
N PRO B 287 -19.05 14.84 -4.90
CA PRO B 287 -18.84 13.42 -5.20
C PRO B 287 -18.78 12.98 -6.68
N ASN B 288 -18.62 13.89 -7.66
CA ASN B 288 -18.33 13.43 -9.06
C ASN B 288 -16.82 13.36 -9.29
N VAL B 289 -16.37 12.15 -9.58
CA VAL B 289 -14.98 11.87 -9.95
C VAL B 289 -14.80 12.19 -11.44
N SER B 290 -13.63 12.72 -11.81
CA SER B 290 -13.31 13.12 -13.19
C SER B 290 -13.40 11.98 -14.21
N LYS B 291 -14.31 12.10 -15.18
CA LYS B 291 -14.38 11.10 -16.26
C LYS B 291 -13.11 11.06 -17.12
N GLU B 292 -12.47 12.21 -17.33
CA GLU B 292 -11.19 12.21 -18.05
C GLU B 292 -10.09 11.41 -17.32
N LEU B 293 -10.00 11.53 -16.00
CA LEU B 293 -9.02 10.76 -15.23
C LEU B 293 -9.33 9.27 -15.20
N ILE B 294 -10.63 8.92 -15.15
CA ILE B 294 -11.07 7.52 -15.17
C ILE B 294 -10.62 6.80 -16.45
N GLU B 295 -10.73 7.50 -17.58
CA GLU B 295 -10.40 6.89 -18.89
C GLU B 295 -8.88 6.68 -19.18
N MET B 296 -8.00 7.03 -18.24
CA MET B 296 -6.55 6.86 -18.42
CA MET B 296 -6.55 6.88 -18.40
C MET B 296 -6.02 5.56 -17.82
N LYS B 297 -4.77 5.21 -18.14
CA LYS B 297 -4.14 3.99 -17.60
C LYS B 297 -3.78 4.05 -16.10
N HIS B 298 -3.12 5.14 -15.71
CA HIS B 298 -2.37 5.16 -14.45
C HIS B 298 -2.84 6.18 -13.38
N VAL B 299 -4.15 6.41 -13.28
CA VAL B 299 -4.67 7.27 -12.20
C VAL B 299 -5.42 6.41 -11.15
N THR B 300 -4.92 6.40 -9.92
CA THR B 300 -5.53 5.68 -8.80
C THR B 300 -6.59 6.59 -8.15
N LEU B 301 -7.83 6.09 -8.05
CA LEU B 301 -8.97 6.88 -7.55
C LEU B 301 -9.76 6.15 -6.45
N THR B 302 -9.89 6.77 -5.27
CA THR B 302 -10.67 6.18 -4.13
C THR B 302 -11.82 7.12 -3.64
N THR B 303 -12.82 6.56 -2.96
CA THR B 303 -14.01 7.31 -2.50
C THR B 303 -13.85 8.08 -1.14
N HIS B 304 -12.85 8.96 -1.04
CA HIS B 304 -12.58 9.75 0.20
C HIS B 304 -12.58 8.84 1.46
N ILE B 305 -11.81 7.74 1.38
CA ILE B 305 -11.68 6.81 2.52
C ILE B 305 -10.52 7.11 3.50
N GLY B 306 -9.78 8.18 3.29
CA GLY B 306 -8.59 8.48 4.16
C GLY B 306 -8.77 8.16 5.65
N GLY B 307 -9.77 8.77 6.26
CA GLY B 307 -10.02 8.61 7.70
C GLY B 307 -10.99 7.49 8.09
N VAL B 308 -11.43 6.73 7.09
CA VAL B 308 -12.53 5.73 7.27
C VAL B 308 -11.97 4.41 7.82
N ALA B 309 -11.99 4.29 9.16
CA ALA B 309 -11.54 3.08 9.88
C ALA B 309 -12.28 3.06 11.21
N ILE B 310 -12.70 1.89 11.68
CA ILE B 310 -13.44 1.79 12.96
C ILE B 310 -12.74 2.45 14.19
N GLU B 311 -11.41 2.36 14.26
CA GLU B 311 -10.61 3.03 15.32
C GLU B 311 -10.71 4.56 15.31
N THR B 312 -10.81 5.14 14.11
CA THR B 312 -11.09 6.59 13.98
C THR B 312 -12.44 6.92 14.66
N PHE B 313 -13.46 6.11 14.36
CA PHE B 313 -14.83 6.38 14.83
C PHE B 313 -14.93 6.22 16.36
N HIS B 314 -14.22 5.23 16.93
CA HIS B 314 -14.12 5.09 18.40
C HIS B 314 -13.59 6.40 19.03
N GLU B 315 -12.53 6.96 18.43
CA GLU B 315 -11.95 8.19 18.94
C GLU B 315 -12.84 9.45 18.73
N PHE B 316 -13.59 9.53 17.61
CA PHE B 316 -14.61 10.59 17.41
C PHE B 316 -15.65 10.57 18.57
N GLU B 317 -16.20 9.39 18.88
CA GLU B 317 -17.17 9.24 20.00
C GLU B 317 -16.55 9.59 21.36
N ARG B 318 -15.32 9.10 21.64
CA ARG B 318 -14.64 9.43 22.92
C ARG B 318 -14.36 10.95 23.08
N LEU B 319 -13.82 11.59 22.02
CA LEU B 319 -13.48 13.04 22.11
C LEU B 319 -14.73 13.93 22.26
N THR B 320 -15.76 13.69 21.45
CA THR B 320 -16.99 14.52 21.54
C THR B 320 -17.64 14.45 22.94
N MET B 321 -17.83 13.23 23.45
CA MET B 321 -18.47 13.03 24.78
C MET B 321 -17.61 13.61 25.92
N THR B 322 -16.30 13.30 25.91
CA THR B 322 -15.36 13.78 26.93
C THR B 322 -15.19 15.31 26.95
N ASN B 323 -15.11 15.92 25.77
CA ASN B 323 -15.06 17.39 25.66
C ASN B 323 -16.23 18.08 26.40
N ILE B 324 -17.45 17.62 26.14
CA ILE B 324 -18.66 18.24 26.73
C ILE B 324 -18.74 17.99 28.28
N ASP B 325 -18.37 16.79 28.70
CA ASP B 325 -18.32 16.43 30.14
C ASP B 325 -17.33 17.33 30.91
N ARG B 326 -16.09 17.37 30.42
CA ARG B 326 -15.06 18.29 30.96
C ARG B 326 -15.56 19.75 31.09
N PHE B 327 -16.07 20.30 29.99
CA PHE B 327 -16.41 21.74 29.87
C PHE B 327 -17.68 22.16 30.64
N LEU B 328 -18.68 21.29 30.73
CA LEU B 328 -19.92 21.62 31.47
C LEU B 328 -20.00 21.13 32.92
N LEU B 329 -19.32 20.02 33.23
CA LEU B 329 -19.45 19.38 34.57
C LEU B 329 -18.16 19.41 35.46
N GLN B 330 -16.99 19.40 34.84
CA GLN B 330 -15.71 19.26 35.57
C GLN B 330 -14.92 20.56 35.79
N GLY B 331 -15.36 21.66 35.19
CA GLY B 331 -14.58 22.93 35.24
C GLY B 331 -13.21 22.86 34.54
N LYS B 332 -13.09 21.96 33.55
CA LYS B 332 -11.85 21.72 32.80
C LYS B 332 -11.92 22.20 31.33
N PRO B 333 -10.79 22.67 30.78
CA PRO B 333 -10.73 23.09 29.36
C PRO B 333 -10.93 21.95 28.36
N LEU B 334 -11.40 22.31 27.15
CA LEU B 334 -11.54 21.38 26.02
C LEU B 334 -10.17 20.77 25.62
N LEU B 335 -10.19 19.52 25.18
CA LEU B 335 -8.99 18.80 24.73
C LEU B 335 -8.58 19.24 23.31
N THR B 336 -9.58 19.54 22.48
CA THR B 336 -9.38 19.85 21.03
C THR B 336 -10.14 21.09 20.56
N PRO B 337 -9.86 22.27 21.15
CA PRO B 337 -10.57 23.47 20.73
C PRO B 337 -10.19 23.86 19.31
N ALA B 338 -11.12 24.50 18.61
CA ALA B 338 -10.86 25.18 17.35
C ALA B 338 -11.57 26.54 17.37
N GLY B 339 -10.83 27.58 16.98
CA GLY B 339 -11.35 28.95 17.06
C GLY B 339 -11.06 29.52 18.43
N LYS B 340 -11.89 30.47 18.88
CA LYS B 340 -11.70 31.15 20.17
C LYS B 340 -11.81 30.21 21.37
N VAL B 341 -10.96 30.45 22.38
CA VAL B 341 -10.98 29.67 23.64
C VAL B 341 -11.77 30.41 24.74
N PHE B 342 -12.62 29.67 25.47
CA PHE B 342 -13.49 30.24 26.51
C PHE B 342 -13.26 29.56 27.88
N ALA B 343 -13.53 30.28 28.97
CA ALA B 343 -13.41 29.70 30.32
C ALA B 343 -14.57 28.73 30.57
N PRO B 344 -14.29 27.53 31.14
CA PRO B 344 -15.37 26.59 31.50
C PRO B 344 -16.24 27.10 32.65
N SER B 345 -17.46 26.57 32.78
CA SER B 345 -18.35 26.90 33.90
C SER B 345 -17.66 26.59 35.23
#